data_2O61
#
_entry.id   2O61
#
_cell.length_a   95.222
_cell.length_b   116.370
_cell.length_c   134.237
_cell.angle_alpha   90.000
_cell.angle_beta   90.000
_cell.angle_gamma   90.000
#
_symmetry.space_group_name_H-M   'P 21 21 21'
#
loop_
_entity.id
_entity.type
_entity.pdbx_description
1 polymer 36-MER
2 polymer 34-MER
3 polymer 'Transcription factor p65/Interferon regulatory factor 7/Interferon regulatory factor 3 fusion protein'
4 polymer 'Nuclear factor NF-kappa-B p105 subunit'
5 water water
#
loop_
_entity_poly.entity_id
_entity_poly.type
_entity_poly.pdbx_seq_one_letter_code
_entity_poly.pdbx_strand_id
1 'polydeoxyribonucleotide'
;(DT)(DT)(DG)(DA)(DA)(DA)(DG)(DG)(DG)(DA)(DG)(DA)(DA)(DG)(DT)(DG)(DA)(DA)(DA)(DG)
(DT)(DG)(DG)(DG)(DA)(DA)(DA)(DT)(DT)(DC)(DC)(DT)(DC)(DT)(DG)(DT)
;
E
2 'polydeoxyribonucleotide'
;(DC)(DA)(DG)(DA)(DG)(DG)(DA)(DA)(DT)(DT)(DT)(DC)(DC)(DC)(DA)(DC)(DT)(DT)(DT)(DC)
(DA)(DC)(DT)(DT)(DC)(DT)(DC)(DC)(DC)(DT)(DT)(DT)(DC)(DA)
;
F
3 'polypeptide(L)'
;MGYVEIIEQPKQRGMRFRYKCEGRSAGSIPGERSTDTTKTHPTIKINGYTGPGTVRISLVTKDPPHRPHPHELVGKDCRD
GFYEAELCPDRCIHSFQNLGIQCVKKRDLEQAISQRIQTNNNPFQVPIEEQRGDYDLNAVRLCFQVTVRDPSGRPLRLPP
VLSHPIFDNRAPNTAELKICRVNRNSGSCLGGDEIFLLCDKVQKEDIEVYFTGPGWEARGSFSQADVHRQVAIVFRTPPY
ADPSLQAPVRVSMQLRRPSDRELSEPMEFQYLPDGSLSSGSSLSSPSAGAAPRVLFGEWLLGEISSGCYEGLQWLDEART
CFRVPWKHFARKDLSEADARIFKAWAVARGRWPPSSRGGGPPPEAETAERAGWKTNFRCALRSTRRFVMLRDNSGDPADQ
HKVYALSGSLSSDSSLSSPSALSPKPRILPWLVSQLDLGQLEGVAWVNKSRTRFRIPWKHGLRQDAQQEDFGIFQAWAEA
TGAYVPGRDKPDLPTWKRNFRSALNRKEGLRLAEDRSKDPHDPHKIYEFVNGLEHHHHHH
;
A
4 'polypeptide(L)'
;MDGPYLQILEQPKQRGFRFRYVCEGPSHGGLPGASSEKNKKSYPQVKICNYVGPAKVIVQLVTNGKNIHLHAHSLVGKHC
EDGICTVTAGPKDMVVGFANLGILHVTKKKVFETLEARMTEACIRGYNPGLLVHPDLAYLQAEGGGDRQLGDREKELIRQ
AALQQTKEMDLSVVRLMFTAFLPDSTGSFTRRLEPVVSDAIYDSKAPNASNLKIVRMDRTAGCVTGGEEIYLLCDKVQKD
DIQIRFYEEEENGGVWEGFGDFSPTDVHRQFAIVFKTPKYKDINITKPASVFVQLRRKSDLETSEPKPFLYYPE
;
B
#
# COMPACT_ATOMS: atom_id res chain seq x y z
N GLY C 2 -37.57 17.04 38.19
CA GLY C 2 -38.07 16.44 36.90
C GLY C 2 -36.96 15.71 36.16
N TYR C 3 -37.16 15.45 34.87
CA TYR C 3 -36.11 14.76 34.14
C TYR C 3 -36.30 14.70 32.62
N VAL C 4 -35.18 14.72 31.91
CA VAL C 4 -35.22 14.69 30.45
C VAL C 4 -35.40 13.29 29.91
N GLU C 5 -36.16 13.18 28.83
CA GLU C 5 -36.42 11.91 28.16
C GLU C 5 -36.36 12.15 26.67
N ILE C 6 -35.62 11.32 25.95
CA ILE C 6 -35.54 11.44 24.52
C ILE C 6 -36.76 10.71 23.95
N ILE C 7 -37.53 11.40 23.12
CA ILE C 7 -38.73 10.80 22.53
C ILE C 7 -38.47 10.37 21.10
N GLU C 8 -37.55 11.06 20.46
CA GLU C 8 -37.18 10.72 19.10
C GLU C 8 -35.66 10.74 19.06
N GLN C 9 -35.09 9.55 18.94
CA GLN C 9 -33.66 9.40 18.87
C GLN C 9 -33.22 9.83 17.49
N PRO C 10 -31.94 10.18 17.33
CA PRO C 10 -31.46 10.58 16.01
C PRO C 10 -31.18 9.28 15.25
N LYS C 11 -31.39 9.27 13.95
CA LYS C 11 -31.12 8.10 13.13
C LYS C 11 -29.64 7.73 13.32
N GLN C 12 -29.35 6.47 13.55
CA GLN C 12 -27.98 6.07 13.79
C GLN C 12 -27.07 6.01 12.57
N ARG C 13 -27.49 5.30 11.53
CA ARG C 13 -26.69 5.16 10.33
C ARG C 13 -27.30 5.95 9.16
N GLY C 14 -26.51 6.16 8.11
CA GLY C 14 -27.05 6.85 6.95
C GLY C 14 -26.66 8.27 6.60
N MET C 15 -26.32 9.07 7.61
CA MET C 15 -25.93 10.46 7.39
C MET C 15 -24.43 10.60 7.56
N ARG C 16 -23.75 11.24 6.61
CA ARG C 16 -22.32 11.39 6.78
C ARG C 16 -22.01 12.69 7.47
N PHE C 17 -20.85 12.71 8.14
CA PHE C 17 -20.43 13.91 8.84
C PHE C 17 -19.92 14.83 7.74
N ARG C 18 -19.81 16.11 8.02
CA ARG C 18 -19.32 17.04 7.02
C ARG C 18 -18.11 17.83 7.51
N TYR C 19 -17.19 18.05 6.58
CA TYR C 19 -15.99 18.80 6.86
C TYR C 19 -16.29 20.27 6.60
N LYS C 20 -15.67 21.14 7.39
CA LYS C 20 -15.83 22.58 7.24
C LYS C 20 -15.69 22.95 5.76
N CYS C 21 -14.74 22.31 5.09
CA CYS C 21 -14.47 22.57 3.68
C CYS C 21 -15.71 22.37 2.81
N GLU C 22 -16.64 21.54 3.22
CA GLU C 22 -17.82 21.34 2.43
C GLU C 22 -18.79 22.45 2.79
N GLY C 23 -18.77 22.84 4.08
CA GLY C 23 -19.64 23.89 4.60
C GLY C 23 -21.02 23.81 3.99
N ARG C 24 -21.35 24.82 3.20
CA ARG C 24 -22.62 24.86 2.48
C ARG C 24 -23.80 24.43 3.35
N SER C 25 -24.92 24.17 2.68
CA SER C 25 -26.14 23.70 3.31
C SER C 25 -25.95 22.19 3.28
N ALA C 26 -25.72 21.59 4.45
CA ALA C 26 -25.48 20.16 4.55
C ALA C 26 -26.45 19.45 5.49
N GLY C 27 -27.74 19.63 5.25
CA GLY C 27 -28.78 19.01 6.06
C GLY C 27 -28.60 19.01 7.58
N SER C 28 -29.39 18.19 8.26
CA SER C 28 -29.34 18.08 9.72
C SER C 28 -29.65 16.65 10.16
N ILE C 29 -29.31 16.34 11.39
CA ILE C 29 -29.53 15.01 11.95
C ILE C 29 -30.99 14.56 11.91
N PRO C 30 -31.29 13.53 11.12
CA PRO C 30 -32.66 13.06 11.04
C PRO C 30 -33.03 12.31 12.31
N GLY C 31 -34.31 12.05 12.51
CA GLY C 31 -34.76 11.32 13.69
C GLY C 31 -34.99 9.85 13.39
N GLU C 32 -34.74 9.02 14.39
CA GLU C 32 -34.90 7.55 14.34
C GLU C 32 -35.92 7.02 13.33
N ARG C 33 -37.14 7.56 13.37
CA ARG C 33 -38.22 7.12 12.48
C ARG C 33 -38.33 7.80 11.13
N SER C 34 -37.32 8.54 10.71
CA SER C 34 -37.36 9.22 9.42
C SER C 34 -37.36 8.25 8.25
N THR C 35 -38.09 8.63 7.20
CA THR C 35 -38.19 7.84 5.97
C THR C 35 -37.77 8.72 4.81
N ASP C 36 -37.76 8.18 3.61
CA ASP C 36 -37.40 8.98 2.45
C ASP C 36 -38.46 10.03 2.24
N THR C 37 -39.69 9.67 2.56
CA THR C 37 -40.82 10.56 2.36
C THR C 37 -41.12 11.46 3.56
N THR C 38 -40.75 11.02 4.76
CA THR C 38 -41.02 11.81 5.97
C THR C 38 -39.87 11.92 6.96
N LYS C 39 -39.35 13.13 7.11
CA LYS C 39 -38.26 13.34 8.02
C LYS C 39 -38.74 13.77 9.41
N THR C 40 -38.13 13.20 10.44
CA THR C 40 -38.47 13.54 11.82
C THR C 40 -37.20 14.12 12.40
N HIS C 41 -37.24 14.62 13.63
CA HIS C 41 -36.04 15.20 14.24
C HIS C 41 -35.81 14.84 15.71
N PRO C 42 -34.56 14.97 16.19
CA PRO C 42 -34.28 14.64 17.58
C PRO C 42 -35.23 15.43 18.49
N THR C 43 -35.84 14.73 19.45
CA THR C 43 -36.79 15.40 20.32
C THR C 43 -36.76 14.93 21.76
N ILE C 44 -36.78 15.89 22.68
CA ILE C 44 -36.78 15.56 24.10
C ILE C 44 -38.07 16.01 24.78
N LYS C 45 -38.39 15.38 25.89
CA LYS C 45 -39.58 15.70 26.67
C LYS C 45 -39.03 15.96 28.05
N ILE C 46 -39.48 17.03 28.68
CA ILE C 46 -39.02 17.33 30.02
C ILE C 46 -40.14 17.00 31.00
N ASN C 47 -40.13 15.77 31.50
CA ASN C 47 -41.12 15.29 32.46
C ASN C 47 -41.06 16.11 33.76
N GLY C 48 -42.23 16.53 34.25
CA GLY C 48 -42.27 17.26 35.51
C GLY C 48 -41.86 18.71 35.51
N TYR C 49 -42.06 19.39 34.39
CA TYR C 49 -41.73 20.81 34.30
C TYR C 49 -42.08 21.41 32.95
N THR C 50 -42.59 22.63 32.98
CA THR C 50 -42.95 23.36 31.78
C THR C 50 -42.81 24.83 32.13
N GLY C 51 -41.76 25.46 31.64
CA GLY C 51 -41.57 26.86 31.94
C GLY C 51 -40.24 27.37 31.44
N PRO C 52 -39.83 28.60 31.82
CA PRO C 52 -38.54 29.10 31.35
C PRO C 52 -37.46 28.06 31.62
N GLY C 53 -36.33 28.20 30.94
CA GLY C 53 -35.24 27.25 31.13
C GLY C 53 -34.28 27.28 29.97
N THR C 54 -33.33 26.36 29.97
CA THR C 54 -32.33 26.33 28.90
C THR C 54 -31.92 24.91 28.50
N VAL C 55 -31.45 24.76 27.27
CA VAL C 55 -31.00 23.47 26.80
C VAL C 55 -29.75 23.55 25.97
N ARG C 56 -28.73 22.83 26.42
CA ARG C 56 -27.46 22.77 25.71
C ARG C 56 -27.33 21.34 25.19
N ILE C 57 -27.01 21.19 23.91
CA ILE C 57 -26.83 19.86 23.34
C ILE C 57 -25.39 19.86 22.88
N SER C 58 -24.58 18.97 23.43
CA SER C 58 -23.19 18.95 22.98
C SER C 58 -22.88 17.55 22.49
N LEU C 59 -21.67 17.39 22.00
CA LEU C 59 -21.21 16.11 21.48
C LEU C 59 -20.22 15.43 22.45
N VAL C 60 -20.40 14.13 22.66
CA VAL C 60 -19.49 13.39 23.55
C VAL C 60 -19.14 12.03 22.98
N THR C 61 -18.05 11.47 23.50
CA THR C 61 -17.55 10.17 23.10
C THR C 61 -18.62 9.07 23.20
N LYS C 62 -18.60 8.13 22.27
CA LYS C 62 -19.57 7.05 22.30
C LYS C 62 -19.41 6.14 23.51
N ASP C 63 -18.15 5.86 23.86
CA ASP C 63 -17.88 4.96 24.98
C ASP C 63 -17.68 5.63 26.35
N PRO C 64 -17.99 4.89 27.43
CA PRO C 64 -17.92 5.23 28.85
C PRO C 64 -17.20 6.48 29.31
N PRO C 65 -15.90 6.61 29.07
CA PRO C 65 -15.44 7.90 29.59
C PRO C 65 -16.01 8.93 28.62
N HIS C 66 -17.27 9.31 28.83
CA HIS C 66 -17.97 10.23 27.94
C HIS C 66 -17.40 11.63 27.85
N ARG C 67 -16.19 11.68 27.29
CA ARG C 67 -15.46 12.92 27.13
C ARG C 67 -16.05 13.77 26.03
N PRO C 68 -15.76 15.08 26.05
CA PRO C 68 -16.26 15.97 25.03
C PRO C 68 -15.61 15.55 23.73
N HIS C 69 -16.42 15.20 22.74
CA HIS C 69 -15.92 14.76 21.44
C HIS C 69 -15.32 15.92 20.66
N PRO C 70 -14.31 15.64 19.84
CA PRO C 70 -13.69 16.74 19.07
C PRO C 70 -14.52 17.36 17.98
N HIS C 71 -15.42 16.60 17.38
CA HIS C 71 -16.26 17.20 16.34
C HIS C 71 -17.15 18.24 16.97
N GLU C 72 -17.86 19.00 16.15
CA GLU C 72 -18.74 20.03 16.68
C GLU C 72 -20.09 20.19 16.01
N LEU C 73 -21.07 20.59 16.82
CA LEU C 73 -22.42 20.84 16.34
C LEU C 73 -22.44 22.19 15.62
N VAL C 74 -23.18 22.27 14.53
CA VAL C 74 -23.29 23.51 13.79
C VAL C 74 -24.72 23.68 13.29
N GLY C 75 -25.18 24.92 13.27
CA GLY C 75 -26.53 25.23 12.83
C GLY C 75 -27.16 26.27 13.74
N LYS C 76 -28.43 26.58 13.51
CA LYS C 76 -29.11 27.55 14.35
C LYS C 76 -28.79 27.38 15.84
N ASP C 77 -28.39 28.48 16.47
CA ASP C 77 -28.05 28.48 17.88
C ASP C 77 -26.85 27.66 18.28
N CYS C 78 -25.92 27.48 17.34
CA CYS C 78 -24.70 26.74 17.64
C CYS C 78 -23.53 27.72 17.68
N ARG C 79 -22.66 27.56 18.68
CA ARG C 79 -21.47 28.39 18.86
C ARG C 79 -20.41 27.54 19.57
N ASP C 80 -19.15 27.89 19.36
CA ASP C 80 -18.05 27.18 20.00
C ASP C 80 -18.21 25.66 20.08
N GLY C 81 -18.82 25.05 19.07
CA GLY C 81 -18.96 23.61 19.07
C GLY C 81 -20.20 22.94 19.62
N PHE C 82 -21.03 23.68 20.35
CA PHE C 82 -22.24 23.09 20.90
C PHE C 82 -23.48 23.90 20.62
N TYR C 83 -24.61 23.36 21.02
CA TYR C 83 -25.90 24.00 20.83
C TYR C 83 -26.47 24.45 22.17
N GLU C 84 -27.04 25.65 22.17
CA GLU C 84 -27.63 26.19 23.37
C GLU C 84 -28.72 27.17 23.01
N ALA C 85 -29.91 26.91 23.54
CA ALA C 85 -31.05 27.75 23.28
C ALA C 85 -31.98 27.80 24.48
N GLU C 86 -32.94 28.73 24.41
CA GLU C 86 -33.91 28.93 25.46
C GLU C 86 -35.06 27.98 25.22
N LEU C 87 -35.65 27.45 26.28
CA LEU C 87 -36.77 26.55 26.15
C LEU C 87 -38.02 27.35 25.86
N CYS C 88 -39.03 26.68 25.31
CA CYS C 88 -40.30 27.34 25.04
C CYS C 88 -41.08 27.16 26.33
N PRO C 89 -41.44 28.27 26.99
CA PRO C 89 -42.18 28.27 28.26
C PRO C 89 -43.52 27.53 28.31
N ASP C 90 -44.12 27.28 27.15
CA ASP C 90 -45.44 26.66 27.13
C ASP C 90 -45.51 25.30 26.48
N ARG C 91 -44.36 24.68 26.30
CA ARG C 91 -44.31 23.37 25.68
C ARG C 91 -43.35 22.57 26.54
N CYS C 92 -43.62 21.28 26.74
CA CYS C 92 -42.70 20.50 27.56
C CYS C 92 -41.96 19.52 26.66
N ILE C 93 -42.31 19.55 25.38
CA ILE C 93 -41.66 18.70 24.38
C ILE C 93 -40.87 19.68 23.52
N HIS C 94 -39.61 19.36 23.28
CA HIS C 94 -38.74 20.23 22.52
C HIS C 94 -38.09 19.52 21.35
N SER C 95 -38.16 20.17 20.19
CA SER C 95 -37.63 19.63 18.96
C SER C 95 -36.44 20.42 18.43
N PHE C 96 -35.44 19.71 17.95
CA PHE C 96 -34.26 20.37 17.40
C PHE C 96 -34.19 19.88 15.97
N GLN C 97 -34.38 20.82 15.04
CA GLN C 97 -34.40 20.47 13.62
C GLN C 97 -33.24 21.00 12.80
N ASN C 98 -32.26 21.62 13.46
CA ASN C 98 -31.12 22.20 12.77
C ASN C 98 -29.77 21.78 13.31
N LEU C 99 -29.65 20.53 13.71
CA LEU C 99 -28.40 20.02 14.23
C LEU C 99 -27.56 19.37 13.14
N GLY C 100 -26.38 19.92 12.92
CA GLY C 100 -25.47 19.37 11.94
C GLY C 100 -24.18 19.04 12.66
N ILE C 101 -23.51 17.98 12.22
CA ILE C 101 -22.26 17.57 12.85
C ILE C 101 -21.12 17.91 11.94
N GLN C 102 -20.21 18.77 12.38
CA GLN C 102 -19.06 19.13 11.56
C GLN C 102 -17.86 18.38 12.11
N CYS C 103 -17.26 17.54 11.28
CA CYS C 103 -16.10 16.77 11.76
C CYS C 103 -14.80 17.52 11.56
N VAL C 104 -13.93 17.45 12.56
CA VAL C 104 -12.64 18.12 12.48
C VAL C 104 -11.61 17.15 11.88
N LYS C 105 -10.60 17.70 11.20
CA LYS C 105 -9.54 16.89 10.57
C LYS C 105 -8.56 16.38 11.62
N LYS C 106 -7.94 15.24 11.36
CA LYS C 106 -6.98 14.66 12.31
C LYS C 106 -5.82 15.61 12.57
N ARG C 107 -5.35 16.29 11.54
CA ARG C 107 -4.27 17.25 11.70
C ARG C 107 -4.61 18.29 12.77
N ASP C 108 -5.88 18.68 12.86
CA ASP C 108 -6.33 19.70 13.80
C ASP C 108 -7.03 19.17 15.05
N LEU C 109 -6.83 17.90 15.36
CA LEU C 109 -7.52 17.34 16.51
C LEU C 109 -7.16 17.92 17.87
N GLU C 110 -5.88 18.20 18.11
CA GLU C 110 -5.46 18.72 19.41
C GLU C 110 -6.06 20.09 19.72
N GLN C 111 -6.10 20.97 18.73
CA GLN C 111 -6.65 22.29 18.91
C GLN C 111 -8.14 22.20 19.21
N ALA C 112 -8.81 21.24 18.57
CA ALA C 112 -10.24 21.06 18.77
C ALA C 112 -10.54 20.62 20.18
N ILE C 113 -9.72 19.69 20.69
CA ILE C 113 -9.91 19.17 22.03
C ILE C 113 -9.63 20.27 23.06
N SER C 114 -8.64 21.10 22.75
CA SER C 114 -8.29 22.20 23.64
C SER C 114 -9.42 23.20 23.68
N GLN C 115 -10.05 23.45 22.52
CA GLN C 115 -11.17 24.39 22.47
C GLN C 115 -12.28 23.88 23.36
N ARG C 116 -12.46 22.56 23.38
CA ARG C 116 -13.53 22.01 24.18
C ARG C 116 -13.30 22.32 25.66
N ILE C 117 -12.06 22.14 26.14
CA ILE C 117 -11.75 22.42 27.55
C ILE C 117 -11.79 23.93 27.79
N GLN C 118 -11.33 24.68 26.80
CA GLN C 118 -11.28 26.13 26.87
C GLN C 118 -12.67 26.77 26.99
N THR C 119 -13.72 26.02 26.69
CA THR C 119 -15.08 26.58 26.77
C THR C 119 -15.99 25.89 27.77
N ASN C 120 -15.42 25.05 28.63
CA ASN C 120 -16.19 24.33 29.64
C ASN C 120 -17.25 23.39 29.06
N ASN C 121 -17.09 23.01 27.80
CA ASN C 121 -18.02 22.09 27.18
C ASN C 121 -17.54 20.71 27.63
N ASN C 122 -17.92 20.34 28.84
CA ASN C 122 -17.49 19.06 29.40
C ASN C 122 -18.57 18.56 30.33
N PRO C 123 -19.69 18.12 29.76
CA PRO C 123 -20.84 17.60 30.50
C PRO C 123 -20.55 16.77 31.74
N PHE C 124 -19.79 15.69 31.60
CA PHE C 124 -19.49 14.83 32.76
C PHE C 124 -18.18 15.21 33.44
N GLN C 125 -17.77 16.45 33.26
CA GLN C 125 -16.54 16.98 33.84
C GLN C 125 -15.43 15.94 33.92
N VAL C 126 -15.26 15.17 32.86
CA VAL C 126 -14.23 14.14 32.82
C VAL C 126 -12.87 14.79 33.07
N PRO C 127 -12.16 14.35 34.12
CA PRO C 127 -10.85 14.92 34.43
C PRO C 127 -9.89 14.85 33.25
N ILE C 128 -9.19 15.95 33.01
CA ILE C 128 -8.22 16.08 31.93
C ILE C 128 -7.37 14.81 31.67
N GLU C 129 -7.36 13.90 32.65
CA GLU C 129 -6.59 12.67 32.51
C GLU C 129 -7.27 11.71 31.53
N GLU C 130 -8.37 11.09 31.97
CA GLU C 130 -9.12 10.16 31.11
C GLU C 130 -9.51 10.86 29.81
N GLN C 131 -9.50 12.19 29.84
CA GLN C 131 -9.87 12.99 28.68
C GLN C 131 -8.88 12.83 27.53
N ARG C 132 -7.84 12.02 27.74
CA ARG C 132 -6.84 11.79 26.70
C ARG C 132 -6.78 10.34 26.24
N GLY C 133 -6.38 10.17 24.98
CA GLY C 133 -6.31 8.86 24.36
C GLY C 133 -7.09 8.99 23.07
N ASP C 134 -6.81 8.13 22.09
CA ASP C 134 -7.50 8.20 20.80
C ASP C 134 -9.00 8.44 20.94
N TYR C 135 -9.58 9.04 19.91
CA TYR C 135 -11.00 9.32 19.87
C TYR C 135 -11.55 8.64 18.63
N ASP C 136 -12.78 8.13 18.71
CA ASP C 136 -13.39 7.51 17.54
C ASP C 136 -14.06 8.64 16.79
N LEU C 137 -13.45 9.06 15.69
CA LEU C 137 -13.99 10.17 14.90
C LEU C 137 -15.14 9.76 13.96
N ASN C 138 -15.63 8.55 14.13
CA ASN C 138 -16.72 8.05 13.27
C ASN C 138 -17.99 7.83 14.06
N ALA C 139 -18.00 8.27 15.31
CA ALA C 139 -19.17 8.07 16.12
C ALA C 139 -19.24 9.09 17.24
N VAL C 140 -20.45 9.50 17.56
CA VAL C 140 -20.65 10.47 18.62
C VAL C 140 -22.02 10.22 19.26
N ARG C 141 -22.19 10.75 20.45
CA ARG C 141 -23.46 10.65 21.13
C ARG C 141 -23.86 12.08 21.47
N LEU C 142 -25.14 12.40 21.31
CA LEU C 142 -25.64 13.73 21.67
C LEU C 142 -25.82 13.71 23.20
N CYS C 143 -25.51 14.83 23.84
CA CYS C 143 -25.67 14.91 25.28
C CYS C 143 -26.53 16.12 25.61
N PHE C 144 -27.74 15.86 26.11
CA PHE C 144 -28.70 16.92 26.45
C PHE C 144 -28.55 17.43 27.86
N GLN C 145 -28.33 18.73 28.00
CA GLN C 145 -28.16 19.33 29.32
C GLN C 145 -29.19 20.41 29.58
N VAL C 146 -30.30 20.03 30.22
CA VAL C 146 -31.37 20.97 30.51
C VAL C 146 -31.27 21.67 31.87
N THR C 147 -31.80 22.90 31.93
CA THR C 147 -31.78 23.66 33.18
C THR C 147 -33.09 24.39 33.42
N VAL C 148 -33.96 23.78 34.22
CA VAL C 148 -35.25 24.37 34.55
C VAL C 148 -35.09 25.31 35.76
N ARG C 149 -36.10 25.32 36.62
CA ARG C 149 -36.10 26.15 37.82
C ARG C 149 -36.84 25.50 38.99
N ASP C 150 -36.18 25.40 40.14
CA ASP C 150 -36.80 24.82 41.34
C ASP C 150 -37.97 25.69 41.76
N PRO C 151 -38.90 25.12 42.53
CA PRO C 151 -40.07 25.87 43.00
C PRO C 151 -39.77 27.35 43.25
N SER C 152 -40.17 28.17 42.27
CA SER C 152 -39.98 29.61 42.27
C SER C 152 -38.58 30.06 42.70
N GLY C 153 -37.87 30.65 41.74
CA GLY C 153 -36.53 31.14 42.02
C GLY C 153 -35.41 30.52 41.23
N ARG C 154 -34.32 30.26 41.96
CA ARG C 154 -33.09 29.70 41.44
C ARG C 154 -33.21 28.73 40.27
N PRO C 155 -32.15 28.65 39.44
CA PRO C 155 -32.11 27.76 38.27
C PRO C 155 -31.99 26.31 38.75
N LEU C 156 -32.07 25.36 37.83
CA LEU C 156 -31.95 23.96 38.22
C LEU C 156 -31.54 23.04 37.06
N ARG C 157 -30.29 22.58 37.10
CA ARG C 157 -29.77 21.68 36.06
C ARG C 157 -30.19 20.26 36.43
N LEU C 158 -30.74 19.52 35.47
CA LEU C 158 -31.12 18.15 35.76
C LEU C 158 -30.17 17.21 35.05
N PRO C 159 -30.10 15.95 35.49
CA PRO C 159 -29.20 14.98 34.89
C PRO C 159 -29.12 15.04 33.37
N PRO C 160 -27.91 14.95 32.81
CA PRO C 160 -27.77 15.00 31.36
C PRO C 160 -28.15 13.63 30.81
N VAL C 161 -28.72 13.60 29.62
CA VAL C 161 -29.09 12.33 29.02
C VAL C 161 -28.35 12.13 27.72
N LEU C 162 -28.01 10.89 27.42
CA LEU C 162 -27.31 10.59 26.19
C LEU C 162 -28.21 9.90 25.20
N SER C 163 -27.98 10.20 23.93
CA SER C 163 -28.74 9.63 22.82
C SER C 163 -28.01 8.38 22.35
N HIS C 164 -28.63 7.66 21.43
CA HIS C 164 -28.00 6.51 20.82
C HIS C 164 -26.83 7.11 20.03
N PRO C 165 -25.75 6.35 19.83
CA PRO C 165 -24.67 6.96 19.06
C PRO C 165 -25.09 7.25 17.62
N ILE C 166 -24.39 8.19 16.98
CA ILE C 166 -24.62 8.57 15.59
C ILE C 166 -23.34 8.28 14.80
N PHE C 167 -23.43 7.40 13.80
CA PHE C 167 -22.26 7.01 13.02
C PHE C 167 -22.11 7.69 11.67
N ASP C 168 -20.87 8.03 11.35
CA ASP C 168 -20.53 8.69 10.09
C ASP C 168 -20.74 7.74 8.92
N ASN C 169 -21.72 8.02 8.10
CA ASN C 169 -22.04 7.17 6.96
C ASN C 169 -21.01 7.21 5.83
N ARG C 170 -20.11 8.18 5.85
CA ARG C 170 -19.11 8.27 4.80
C ARG C 170 -17.88 7.44 5.13
N ALA C 171 -17.57 7.34 6.41
CA ALA C 171 -16.43 6.57 6.88
C ALA C 171 -16.64 5.10 6.53
N PRO C 172 -15.62 4.48 5.94
CA PRO C 172 -15.68 3.06 5.53
C PRO C 172 -16.02 2.01 6.59
N ASN C 173 -15.58 2.18 7.82
CA ASN C 173 -15.87 1.18 8.84
C ASN C 173 -16.97 1.65 9.79
N THR C 174 -18.10 2.05 9.25
CA THR C 174 -19.16 2.57 10.09
C THR C 174 -20.27 3.07 9.17
N ALA C 175 -20.10 2.84 7.87
CA ALA C 175 -21.08 3.25 6.87
C ALA C 175 -22.26 2.28 6.89
N GLU C 176 -23.36 2.69 6.28
CA GLU C 176 -24.55 1.86 6.24
C GLU C 176 -24.42 0.80 5.15
N LEU C 177 -24.69 -0.45 5.51
CA LEU C 177 -24.58 -1.58 4.58
C LEU C 177 -25.75 -1.69 3.63
N LYS C 178 -25.46 -1.86 2.35
CA LYS C 178 -26.53 -1.98 1.37
C LYS C 178 -26.17 -2.85 0.18
N ILE C 179 -26.96 -3.92 -0.01
CA ILE C 179 -26.78 -4.83 -1.13
C ILE C 179 -27.42 -4.10 -2.31
N CYS C 180 -26.76 -4.10 -3.45
CA CYS C 180 -27.29 -3.37 -4.58
C CYS C 180 -27.80 -4.19 -5.74
N ARG C 181 -27.18 -5.32 -6.00
CA ARG C 181 -27.60 -6.19 -7.10
C ARG C 181 -26.99 -7.56 -6.92
N VAL C 182 -27.80 -8.58 -7.14
CA VAL C 182 -27.32 -9.94 -7.01
C VAL C 182 -27.34 -10.69 -8.34
N ASN C 183 -26.32 -11.51 -8.50
CA ASN C 183 -26.10 -12.34 -9.66
C ASN C 183 -27.31 -13.27 -9.89
N ARG C 184 -27.56 -14.10 -8.88
CA ARG C 184 -28.66 -15.06 -8.89
C ARG C 184 -29.25 -15.10 -7.47
N ASN C 185 -30.57 -15.13 -7.37
CA ASN C 185 -31.22 -15.14 -6.06
C ASN C 185 -31.77 -16.53 -5.73
N SER C 186 -31.35 -17.53 -6.50
CA SER C 186 -31.82 -18.90 -6.30
C SER C 186 -30.72 -19.94 -6.42
N GLY C 187 -30.88 -21.08 -5.74
CA GLY C 187 -29.87 -22.13 -5.81
C GLY C 187 -30.23 -23.43 -5.13
N SER C 188 -29.33 -24.40 -5.25
CA SER C 188 -29.48 -25.74 -4.67
C SER C 188 -29.47 -25.72 -3.14
N CYS C 189 -30.23 -26.64 -2.53
CA CYS C 189 -30.32 -26.75 -1.09
C CYS C 189 -29.00 -27.26 -0.51
N LEU C 190 -28.16 -27.79 -1.39
CA LEU C 190 -26.86 -28.31 -1.01
C LEU C 190 -25.91 -27.13 -0.86
N GLY C 191 -26.30 -25.99 -1.45
CA GLY C 191 -25.46 -24.80 -1.40
C GLY C 191 -24.32 -24.95 -2.38
N GLY C 192 -23.34 -24.06 -2.34
CA GLY C 192 -22.21 -24.17 -3.24
C GLY C 192 -22.40 -23.46 -4.57
N ASP C 193 -23.56 -22.82 -4.77
CA ASP C 193 -23.80 -22.09 -6.01
C ASP C 193 -23.01 -20.77 -5.86
N GLU C 194 -22.28 -20.37 -6.88
CA GLU C 194 -21.50 -19.13 -6.81
C GLU C 194 -22.33 -17.90 -7.15
N ILE C 195 -22.32 -16.93 -6.23
CA ILE C 195 -23.07 -15.69 -6.38
C ILE C 195 -22.20 -14.42 -6.38
N PHE C 196 -22.55 -13.49 -7.27
CA PHE C 196 -21.87 -12.20 -7.37
C PHE C 196 -22.76 -11.17 -6.74
N LEU C 197 -22.32 -10.55 -5.64
CA LEU C 197 -23.13 -9.54 -4.98
C LEU C 197 -22.49 -8.15 -5.07
N LEU C 198 -23.23 -7.18 -5.61
CA LEU C 198 -22.74 -5.80 -5.73
C LEU C 198 -23.23 -5.00 -4.54
N CYS C 199 -22.30 -4.41 -3.81
CA CYS C 199 -22.67 -3.66 -2.60
C CYS C 199 -22.00 -2.31 -2.47
N ASP C 200 -22.33 -1.65 -1.35
CA ASP C 200 -21.73 -0.38 -1.03
C ASP C 200 -20.42 -0.70 -0.32
N LYS C 201 -19.57 0.30 -0.14
CA LYS C 201 -18.27 0.11 0.48
C LYS C 201 -18.27 -0.85 1.67
N VAL C 202 -17.51 -1.93 1.57
CA VAL C 202 -17.38 -2.85 2.70
C VAL C 202 -15.87 -3.03 2.94
N GLN C 203 -15.51 -3.60 4.09
CA GLN C 203 -14.10 -3.84 4.35
C GLN C 203 -13.88 -5.35 4.29
N LYS C 204 -13.15 -5.79 3.28
CA LYS C 204 -12.91 -7.22 3.07
C LYS C 204 -12.48 -8.02 4.30
N GLU C 205 -12.08 -7.35 5.37
CA GLU C 205 -11.64 -8.08 6.56
C GLU C 205 -12.65 -8.03 7.69
N ASP C 206 -13.84 -7.51 7.41
CA ASP C 206 -14.88 -7.38 8.40
C ASP C 206 -16.21 -7.27 7.66
N ILE C 207 -16.67 -8.39 7.12
CA ILE C 207 -17.91 -8.44 6.36
C ILE C 207 -18.27 -9.88 5.99
N GLU C 208 -19.55 -10.20 6.01
CA GLU C 208 -20.00 -11.54 5.67
C GLU C 208 -21.38 -11.53 5.06
N VAL C 209 -21.68 -12.57 4.30
CA VAL C 209 -22.99 -12.73 3.70
C VAL C 209 -23.72 -13.62 4.70
N TYR C 210 -24.74 -13.04 5.35
CA TYR C 210 -25.50 -13.71 6.40
C TYR C 210 -26.89 -14.19 5.96
N PHE C 211 -27.07 -15.52 5.94
CA PHE C 211 -28.35 -16.11 5.57
C PHE C 211 -29.16 -16.52 6.81
N THR C 212 -30.47 -16.30 6.78
CA THR C 212 -31.32 -16.68 7.91
C THR C 212 -32.72 -17.11 7.47
N GLY C 213 -33.62 -17.23 8.45
CA GLY C 213 -34.98 -17.63 8.18
C GLY C 213 -35.60 -18.28 9.41
N PRO C 214 -36.63 -19.13 9.24
CA PRO C 214 -37.30 -19.81 10.35
C PRO C 214 -36.27 -20.56 11.21
N GLY C 215 -35.76 -19.88 12.24
CA GLY C 215 -34.77 -20.51 13.11
C GLY C 215 -33.65 -21.21 12.36
N TRP C 216 -32.79 -20.43 11.72
CA TRP C 216 -31.64 -20.93 10.96
C TRP C 216 -30.66 -19.80 10.66
N GLU C 217 -29.39 -20.15 10.51
CA GLU C 217 -28.34 -19.18 10.22
C GLU C 217 -27.24 -19.81 9.41
N ALA C 218 -26.85 -19.14 8.33
CA ALA C 218 -25.79 -19.63 7.47
C ALA C 218 -24.93 -18.48 6.98
N ARG C 219 -23.74 -18.80 6.49
CA ARG C 219 -22.83 -17.77 5.99
C ARG C 219 -22.15 -18.21 4.70
N GLY C 220 -22.18 -17.34 3.70
CA GLY C 220 -21.53 -17.68 2.43
C GLY C 220 -20.02 -17.73 2.62
N SER C 221 -19.33 -18.53 1.83
CA SER C 221 -17.89 -18.61 2.03
C SER C 221 -17.08 -17.90 0.94
N PHE C 222 -16.15 -17.07 1.38
CA PHE C 222 -15.26 -16.34 0.48
C PHE C 222 -14.07 -15.85 1.27
N SER C 223 -12.92 -15.84 0.61
CA SER C 223 -11.71 -15.33 1.22
C SER C 223 -11.72 -13.83 0.97
N GLN C 224 -10.89 -13.07 1.68
CA GLN C 224 -10.86 -11.64 1.46
C GLN C 224 -10.57 -11.33 -0.01
N ALA C 225 -9.87 -12.26 -0.68
CA ALA C 225 -9.52 -12.06 -2.06
C ALA C 225 -10.76 -12.09 -2.93
N ASP C 226 -11.85 -12.58 -2.38
CA ASP C 226 -13.09 -12.66 -3.13
C ASP C 226 -13.92 -11.39 -3.09
N VAL C 227 -13.46 -10.42 -2.28
CA VAL C 227 -14.13 -9.12 -2.18
C VAL C 227 -13.37 -8.24 -3.17
N HIS C 228 -14.08 -7.71 -4.17
CA HIS C 228 -13.48 -6.87 -5.21
C HIS C 228 -13.58 -5.38 -4.94
N ARG C 229 -12.42 -4.71 -4.91
CA ARG C 229 -12.36 -3.27 -4.67
C ARG C 229 -13.43 -2.72 -3.74
N GLN C 230 -13.73 -3.47 -2.69
CA GLN C 230 -14.70 -3.05 -1.68
C GLN C 230 -16.16 -2.92 -2.05
N VAL C 231 -16.51 -3.16 -3.32
CA VAL C 231 -17.90 -3.01 -3.76
C VAL C 231 -18.53 -4.23 -4.41
N ALA C 232 -17.84 -5.36 -4.38
CA ALA C 232 -18.37 -6.59 -4.97
C ALA C 232 -17.81 -7.84 -4.29
N ILE C 233 -18.70 -8.75 -3.89
CA ILE C 233 -18.32 -9.98 -3.21
C ILE C 233 -18.77 -11.18 -4.02
N VAL C 234 -17.85 -12.11 -4.28
CA VAL C 234 -18.19 -13.34 -5.01
C VAL C 234 -17.99 -14.47 -4.01
N PHE C 235 -19.07 -15.11 -3.61
CA PHE C 235 -19.02 -16.19 -2.63
C PHE C 235 -19.78 -17.43 -3.09
N ARG C 236 -19.99 -18.36 -2.16
CA ARG C 236 -20.74 -19.58 -2.45
C ARG C 236 -21.82 -19.76 -1.40
N THR C 237 -22.98 -20.20 -1.86
CA THR C 237 -24.14 -20.41 -1.00
C THR C 237 -23.87 -21.49 0.03
N PRO C 238 -24.25 -21.23 1.29
CA PRO C 238 -24.02 -22.22 2.34
C PRO C 238 -25.07 -23.31 2.20
N PRO C 239 -24.83 -24.48 2.81
CA PRO C 239 -25.81 -25.57 2.72
C PRO C 239 -27.05 -25.15 3.51
N TYR C 240 -28.23 -25.54 3.04
CA TYR C 240 -29.46 -25.20 3.74
C TYR C 240 -29.68 -26.23 4.86
N ALA C 241 -30.39 -25.83 5.91
CA ALA C 241 -30.68 -26.69 7.06
C ALA C 241 -31.16 -28.10 6.65
N ASP C 242 -32.17 -28.14 5.78
CA ASP C 242 -32.76 -29.37 5.29
C ASP C 242 -32.20 -29.74 3.90
N PRO C 243 -31.17 -30.61 3.86
CA PRO C 243 -30.54 -31.05 2.60
C PRO C 243 -31.38 -32.02 1.76
N SER C 244 -32.69 -31.83 1.80
CA SER C 244 -33.60 -32.68 1.06
C SER C 244 -34.93 -31.98 0.81
N LEU C 245 -34.92 -31.08 -0.16
CA LEU C 245 -36.12 -30.31 -0.52
C LEU C 245 -37.01 -31.06 -1.48
N GLN C 246 -38.30 -30.78 -1.38
CA GLN C 246 -39.30 -31.37 -2.25
C GLN C 246 -40.00 -30.15 -2.84
N ALA C 247 -39.63 -28.99 -2.31
CA ALA C 247 -40.17 -27.71 -2.74
C ALA C 247 -39.17 -26.63 -2.34
N PRO C 248 -39.21 -25.46 -3.01
CA PRO C 248 -38.33 -24.32 -2.74
C PRO C 248 -38.69 -23.59 -1.45
N VAL C 249 -37.69 -23.01 -0.79
CA VAL C 249 -37.91 -22.27 0.46
C VAL C 249 -37.29 -20.87 0.41
N ARG C 250 -38.10 -19.86 0.68
CA ARG C 250 -37.65 -18.46 0.67
C ARG C 250 -36.96 -18.01 1.97
N VAL C 251 -35.65 -17.85 1.90
CA VAL C 251 -34.85 -17.44 3.05
C VAL C 251 -34.39 -15.98 2.91
N SER C 252 -33.62 -15.51 3.88
CA SER C 252 -33.10 -14.15 3.85
C SER C 252 -31.60 -14.14 3.62
N MET C 253 -31.15 -13.14 2.88
CA MET C 253 -29.74 -12.99 2.56
C MET C 253 -29.37 -11.55 2.88
N GLN C 254 -28.36 -11.35 3.71
CA GLN C 254 -27.95 -10.00 4.02
C GLN C 254 -26.49 -9.83 4.45
N LEU C 255 -25.95 -8.67 4.14
CA LEU C 255 -24.57 -8.33 4.47
C LEU C 255 -24.48 -8.14 5.97
N ARG C 256 -23.40 -8.62 6.57
CA ARG C 256 -23.21 -8.48 8.00
C ARG C 256 -21.79 -8.03 8.38
N ARG C 257 -21.71 -7.02 9.23
CA ARG C 257 -20.42 -6.50 9.67
C ARG C 257 -20.17 -7.12 11.05
N PRO C 258 -19.39 -8.21 11.10
CA PRO C 258 -19.07 -8.90 12.34
C PRO C 258 -18.75 -8.02 13.55
N SER C 259 -17.74 -7.18 13.42
CA SER C 259 -17.33 -6.32 14.52
C SER C 259 -18.45 -5.68 15.34
N ASP C 260 -19.55 -5.30 14.72
CA ASP C 260 -20.62 -4.65 15.48
C ASP C 260 -22.04 -5.11 15.21
N ARG C 261 -22.17 -6.23 14.52
CA ARG C 261 -23.48 -6.83 14.21
C ARG C 261 -24.35 -6.06 13.20
N GLU C 262 -23.92 -4.90 12.75
CA GLU C 262 -24.70 -4.12 11.79
C GLU C 262 -25.22 -5.05 10.67
N LEU C 263 -26.43 -4.79 10.18
CA LEU C 263 -27.02 -5.60 9.11
C LEU C 263 -27.62 -4.71 8.04
N SER C 264 -27.82 -5.26 6.85
CA SER C 264 -28.39 -4.52 5.74
C SER C 264 -29.80 -5.02 5.48
N GLU C 265 -30.56 -4.32 4.64
CA GLU C 265 -31.91 -4.78 4.31
C GLU C 265 -31.73 -6.14 3.65
N PRO C 266 -32.65 -7.06 3.91
CA PRO C 266 -32.53 -8.39 3.30
C PRO C 266 -32.90 -8.48 1.83
N MET C 267 -32.38 -9.52 1.18
CA MET C 267 -32.66 -9.76 -0.22
C MET C 267 -33.17 -11.19 -0.29
N GLU C 268 -34.33 -11.37 -0.91
CA GLU C 268 -34.92 -12.70 -1.02
C GLU C 268 -33.96 -13.64 -1.71
N PHE C 269 -34.05 -14.90 -1.34
CA PHE C 269 -33.26 -15.97 -1.93
C PHE C 269 -33.99 -17.24 -1.56
N GLN C 270 -34.17 -18.12 -2.54
CA GLN C 270 -34.88 -19.37 -2.33
C GLN C 270 -34.02 -20.56 -2.70
N TYR C 271 -34.04 -21.59 -1.85
CA TYR C 271 -33.30 -22.81 -2.12
C TYR C 271 -34.20 -23.73 -2.94
N LEU C 272 -33.60 -24.63 -3.71
CA LEU C 272 -34.37 -25.55 -4.53
C LEU C 272 -33.96 -26.98 -4.30
N PRO C 273 -34.84 -27.94 -4.65
CA PRO C 273 -34.59 -29.37 -4.49
C PRO C 273 -33.20 -29.79 -5.00
N ASP C 274 -32.70 -30.89 -4.44
CA ASP C 274 -31.39 -31.44 -4.79
C ASP C 274 -31.06 -31.28 -6.28
N ALA C 290 -10.02 -17.30 -8.30
CA ALA C 290 -9.90 -16.33 -7.16
C ALA C 290 -8.89 -16.86 -6.14
N ALA C 291 -7.61 -16.53 -6.35
CA ALA C 291 -6.55 -16.99 -5.46
C ALA C 291 -6.35 -16.21 -4.17
N PRO C 292 -6.62 -16.86 -3.00
CA PRO C 292 -6.48 -16.25 -1.67
C PRO C 292 -5.09 -15.63 -1.45
N ARG C 293 -5.01 -14.67 -0.55
CA ARG C 293 -3.74 -14.01 -0.28
C ARG C 293 -2.87 -14.84 0.64
N VAL C 294 -1.61 -15.00 0.25
CA VAL C 294 -0.66 -15.79 1.04
C VAL C 294 0.02 -14.92 2.11
N LEU C 295 -0.48 -14.94 3.35
CA LEU C 295 0.22 -14.16 4.37
C LEU C 295 1.31 -15.07 4.94
N PHE C 296 2.50 -14.53 5.16
CA PHE C 296 3.58 -15.41 5.54
C PHE C 296 3.44 -16.25 6.80
N GLY C 297 2.95 -15.70 7.89
CA GLY C 297 2.85 -16.52 9.07
C GLY C 297 1.83 -17.64 8.94
N GLU C 298 0.66 -17.30 8.40
CA GLU C 298 -0.38 -18.30 8.27
C GLU C 298 0.11 -19.34 7.26
N TRP C 299 0.79 -18.86 6.23
CA TRP C 299 1.28 -19.76 5.20
C TRP C 299 2.32 -20.69 5.77
N LEU C 300 3.22 -20.17 6.59
CA LEU C 300 4.26 -21.02 7.14
C LEU C 300 3.68 -22.11 8.03
N LEU C 301 2.70 -21.76 8.87
CA LEU C 301 2.13 -22.76 9.77
C LEU C 301 1.48 -23.87 8.98
N GLY C 302 0.82 -23.50 7.89
CA GLY C 302 0.16 -24.48 7.06
C GLY C 302 1.17 -25.43 6.43
N GLU C 303 2.29 -24.88 5.95
CA GLU C 303 3.29 -25.71 5.31
C GLU C 303 3.99 -26.67 6.27
N ILE C 304 4.25 -26.21 7.49
CA ILE C 304 4.88 -27.06 8.49
C ILE C 304 3.94 -28.20 8.83
N SER C 305 2.66 -27.88 8.93
CA SER C 305 1.64 -28.88 9.24
C SER C 305 1.44 -29.88 8.10
N SER C 306 1.57 -29.42 6.87
CA SER C 306 1.40 -30.29 5.72
C SER C 306 2.24 -31.57 5.76
N GLY C 307 3.42 -31.50 6.34
CA GLY C 307 4.23 -32.70 6.37
C GLY C 307 4.85 -32.99 5.01
N CYS C 308 4.77 -32.01 4.11
CA CYS C 308 5.34 -32.16 2.78
C CYS C 308 6.76 -31.61 2.58
N TYR C 309 7.39 -31.08 3.63
CA TYR C 309 8.75 -30.56 3.49
C TYR C 309 9.69 -31.28 4.44
N GLU C 310 10.31 -32.34 3.96
CA GLU C 310 11.20 -33.11 4.80
C GLU C 310 12.10 -32.15 5.55
N GLY C 311 12.07 -32.25 6.88
CA GLY C 311 12.87 -31.39 7.73
C GLY C 311 12.07 -30.27 8.38
N LEU C 312 10.96 -29.90 7.75
CA LEU C 312 10.09 -28.82 8.22
C LEU C 312 8.98 -29.48 9.02
N GLN C 313 9.19 -29.59 10.32
CA GLN C 313 8.23 -30.27 11.20
C GLN C 313 8.10 -29.66 12.60
N TRP C 314 6.96 -29.92 13.24
CA TRP C 314 6.68 -29.45 14.59
C TRP C 314 7.47 -30.27 15.61
N LEU C 315 7.94 -29.65 16.69
CA LEU C 315 8.71 -30.37 17.70
C LEU C 315 7.92 -30.65 18.99
N ASP C 316 6.59 -30.59 18.93
CA ASP C 316 5.77 -30.85 20.10
C ASP C 316 4.28 -31.01 19.75
N GLU C 317 3.49 -31.46 20.72
CA GLU C 317 2.06 -31.67 20.52
C GLU C 317 1.24 -30.37 20.51
N ALA C 318 1.76 -29.35 21.18
CA ALA C 318 1.05 -28.08 21.22
C ALA C 318 1.22 -27.34 19.88
N ARG C 319 2.31 -27.64 19.19
CA ARG C 319 2.63 -27.01 17.92
C ARG C 319 2.93 -25.56 18.22
N THR C 320 4.00 -25.34 18.98
CA THR C 320 4.42 -24.00 19.35
C THR C 320 5.88 -23.82 18.98
N CYS C 321 6.53 -24.94 18.64
CA CYS C 321 7.94 -24.95 18.24
C CYS C 321 8.08 -25.72 16.94
N PHE C 322 9.06 -25.35 16.13
CA PHE C 322 9.28 -26.04 14.87
C PHE C 322 10.69 -25.85 14.33
N ARG C 323 11.10 -26.77 13.46
CA ARG C 323 12.42 -26.69 12.87
C ARG C 323 12.32 -26.38 11.39
N VAL C 324 13.28 -25.61 10.91
CA VAL C 324 13.32 -25.28 9.50
C VAL C 324 14.68 -25.72 8.99
N PRO C 325 14.70 -26.54 7.94
CA PRO C 325 15.99 -26.99 7.39
C PRO C 325 16.79 -25.76 6.97
N TRP C 326 18.05 -25.71 7.33
CA TRP C 326 18.87 -24.56 7.00
C TRP C 326 20.31 -24.86 6.55
N LYS C 327 20.50 -25.76 5.58
CA LYS C 327 21.85 -26.07 5.13
C LYS C 327 22.47 -24.91 4.38
N HIS C 328 23.75 -24.64 4.63
CA HIS C 328 24.45 -23.54 3.94
C HIS C 328 24.35 -23.84 2.45
N PHE C 329 23.97 -22.86 1.65
CA PHE C 329 23.81 -23.11 0.22
C PHE C 329 25.08 -23.17 -0.64
N ALA C 330 26.23 -22.96 -0.02
CA ALA C 330 27.48 -23.05 -0.74
C ALA C 330 27.87 -24.54 -0.86
N ARG C 331 27.22 -25.40 -0.10
CA ARG C 331 27.52 -26.82 -0.15
C ARG C 331 27.18 -27.47 -1.47
N LYS C 332 28.14 -28.18 -2.05
CA LYS C 332 27.94 -28.82 -3.34
C LYS C 332 27.01 -30.02 -3.41
N ASP C 333 26.52 -30.51 -2.29
CA ASP C 333 25.60 -31.65 -2.33
C ASP C 333 24.18 -31.14 -2.12
N LEU C 334 24.05 -29.83 -1.98
CA LEU C 334 22.77 -29.17 -1.78
C LEU C 334 21.70 -29.72 -2.71
N SER C 335 20.70 -30.38 -2.13
CA SER C 335 19.61 -30.97 -2.91
C SER C 335 18.35 -30.12 -2.99
N GLU C 336 17.38 -30.61 -3.76
CA GLU C 336 16.12 -29.92 -3.92
C GLU C 336 15.43 -29.84 -2.57
N ALA C 337 15.28 -30.98 -1.91
CA ALA C 337 14.63 -31.04 -0.61
C ALA C 337 15.27 -30.05 0.39
N ASP C 338 16.57 -29.82 0.27
CA ASP C 338 17.26 -28.92 1.16
C ASP C 338 16.76 -27.49 1.05
N ALA C 339 16.24 -27.14 -0.12
CA ALA C 339 15.78 -25.78 -0.33
C ALA C 339 14.30 -25.69 -0.72
N ARG C 340 13.54 -26.75 -0.43
CA ARG C 340 12.15 -26.83 -0.86
C ARG C 340 11.19 -25.78 -0.28
N ILE C 341 11.26 -25.51 1.02
CA ILE C 341 10.38 -24.52 1.62
C ILE C 341 10.72 -23.11 1.13
N PHE C 342 12.02 -22.81 0.96
CA PHE C 342 12.46 -21.49 0.47
C PHE C 342 11.95 -21.25 -0.94
N LYS C 343 12.01 -22.29 -1.77
CA LYS C 343 11.52 -22.21 -3.12
C LYS C 343 9.97 -22.11 -3.14
N ALA C 344 9.32 -22.79 -2.20
CA ALA C 344 7.86 -22.77 -2.14
C ALA C 344 7.38 -21.36 -1.90
N TRP C 345 8.11 -20.62 -1.08
CA TRP C 345 7.74 -19.23 -0.83
C TRP C 345 7.93 -18.38 -2.06
N ALA C 346 8.99 -18.66 -2.82
CA ALA C 346 9.21 -17.87 -3.99
C ALA C 346 8.07 -18.11 -4.98
N VAL C 347 7.70 -19.37 -5.15
CA VAL C 347 6.65 -19.70 -6.11
C VAL C 347 5.28 -19.18 -5.70
N ALA C 348 4.94 -19.24 -4.42
CA ALA C 348 3.64 -18.76 -3.97
C ALA C 348 3.51 -17.25 -4.21
N ARG C 349 4.61 -16.53 -4.09
CA ARG C 349 4.58 -15.09 -4.29
C ARG C 349 4.84 -14.70 -5.74
N GLY C 350 4.79 -15.69 -6.63
CA GLY C 350 5.00 -15.44 -8.04
C GLY C 350 6.34 -14.95 -8.51
N ARG C 351 7.43 -15.25 -7.80
CA ARG C 351 8.76 -14.83 -8.24
C ARG C 351 9.49 -15.99 -8.88
N TRP C 352 8.76 -17.06 -9.16
CA TRP C 352 9.35 -18.23 -9.80
C TRP C 352 8.29 -19.14 -10.36
N PRO C 353 8.35 -19.42 -11.67
CA PRO C 353 7.37 -20.29 -12.32
C PRO C 353 7.27 -21.66 -11.68
N PRO C 354 6.03 -22.15 -11.44
CA PRO C 354 5.77 -23.47 -10.83
C PRO C 354 6.21 -24.67 -11.69
N SER C 355 5.54 -25.80 -11.50
CA SER C 355 5.90 -27.00 -12.25
C SER C 355 4.92 -27.37 -13.37
N SER C 356 5.29 -28.40 -14.13
CA SER C 356 4.51 -28.94 -15.25
C SER C 356 3.03 -28.55 -15.33
N ARG C 357 2.15 -29.46 -14.93
CA ARG C 357 0.70 -29.24 -14.96
C ARG C 357 0.14 -29.31 -16.39
N PRO C 361 12.52 -25.17 -20.49
CA PRO C 361 11.61 -24.59 -19.48
C PRO C 361 11.07 -25.64 -18.50
N PRO C 362 11.28 -25.43 -17.18
CA PRO C 362 11.99 -24.29 -16.58
C PRO C 362 13.51 -24.34 -16.77
N PRO C 363 14.19 -23.24 -16.45
CA PRO C 363 15.66 -23.14 -16.57
C PRO C 363 16.39 -23.63 -15.32
N GLU C 364 17.42 -24.44 -15.50
CA GLU C 364 18.18 -24.95 -14.36
C GLU C 364 18.96 -23.84 -13.65
N ALA C 365 18.75 -22.59 -14.06
CA ALA C 365 19.42 -21.46 -13.43
C ALA C 365 18.69 -21.27 -12.11
N GLU C 366 18.17 -22.39 -11.62
CA GLU C 366 17.41 -22.45 -10.39
C GLU C 366 18.29 -22.40 -9.14
N THR C 367 19.57 -22.74 -9.29
CA THR C 367 20.48 -22.73 -8.14
C THR C 367 21.13 -21.37 -7.93
N ALA C 368 20.95 -20.46 -8.87
CA ALA C 368 21.50 -19.13 -8.71
C ALA C 368 20.55 -18.38 -7.77
N GLU C 369 19.27 -18.71 -7.95
CA GLU C 369 18.11 -18.19 -7.22
C GLU C 369 17.99 -18.52 -5.73
N ARG C 370 18.50 -19.67 -5.35
CA ARG C 370 18.36 -20.18 -3.99
C ARG C 370 18.89 -19.31 -2.86
N ALA C 371 20.02 -18.62 -3.02
CA ALA C 371 20.47 -17.79 -1.92
C ALA C 371 19.40 -16.73 -1.67
N GLY C 372 18.86 -16.15 -2.74
CA GLY C 372 17.84 -15.13 -2.56
C GLY C 372 16.57 -15.72 -1.95
N TRP C 373 16.24 -16.94 -2.36
CA TRP C 373 15.07 -17.55 -1.81
C TRP C 373 15.25 -17.70 -0.31
N LYS C 374 16.45 -18.05 0.12
CA LYS C 374 16.64 -18.20 1.54
C LYS C 374 16.53 -16.87 2.26
N THR C 375 17.15 -15.82 1.71
CA THR C 375 17.09 -14.55 2.42
C THR C 375 15.69 -13.95 2.45
N ASN C 376 14.93 -14.10 1.35
CA ASN C 376 13.58 -13.57 1.34
C ASN C 376 12.77 -14.30 2.41
N PHE C 377 13.01 -15.59 2.56
CA PHE C 377 12.31 -16.35 3.56
C PHE C 377 12.76 -15.90 4.96
N ARG C 378 14.05 -15.70 5.16
CA ARG C 378 14.52 -15.31 6.48
C ARG C 378 14.01 -13.92 6.86
N CYS C 379 14.09 -12.99 5.90
CA CYS C 379 13.66 -11.62 6.16
C CYS C 379 12.15 -11.52 6.36
N ALA C 380 11.38 -12.24 5.55
CA ALA C 380 9.94 -12.19 5.72
C ALA C 380 9.57 -12.75 7.10
N LEU C 381 10.26 -13.81 7.50
CA LEU C 381 9.98 -14.46 8.76
C LEU C 381 10.22 -13.43 9.86
N ARG C 382 11.31 -12.68 9.74
CA ARG C 382 11.63 -11.70 10.75
C ARG C 382 10.65 -10.53 10.82
N SER C 383 10.25 -10.00 9.66
CA SER C 383 9.32 -8.87 9.61
C SER C 383 8.01 -9.22 10.31
N THR C 384 7.54 -10.43 10.04
CA THR C 384 6.32 -10.93 10.61
C THR C 384 6.21 -10.73 12.12
N ARG C 385 7.35 -10.75 12.82
CA ARG C 385 7.36 -10.59 14.27
C ARG C 385 6.57 -11.69 14.98
N ARG C 386 6.14 -12.70 14.25
CA ARG C 386 5.35 -13.78 14.83
C ARG C 386 6.18 -14.99 15.29
N PHE C 387 7.49 -14.93 15.15
CA PHE C 387 8.30 -16.05 15.57
C PHE C 387 9.52 -15.65 16.34
N VAL C 388 10.12 -16.60 17.04
CA VAL C 388 11.32 -16.35 17.80
C VAL C 388 12.26 -17.53 17.61
N MET C 389 13.56 -17.26 17.63
CA MET C 389 14.50 -18.35 17.45
C MET C 389 14.96 -18.92 18.78
N LEU C 390 14.75 -20.22 18.97
CA LEU C 390 15.17 -20.92 20.18
C LEU C 390 16.60 -21.42 20.04
N ARG C 391 16.90 -22.10 18.94
CA ARG C 391 18.24 -22.65 18.71
C ARG C 391 18.64 -22.58 17.24
N ASP C 392 19.88 -22.17 17.00
CA ASP C 392 20.44 -22.09 15.65
C ASP C 392 21.33 -23.31 15.48
N ASN C 393 20.72 -24.42 15.09
CA ASN C 393 21.44 -25.66 14.87
C ASN C 393 21.90 -25.76 13.43
N SER C 394 22.18 -24.63 12.80
CA SER C 394 22.65 -24.66 11.41
C SER C 394 24.14 -24.96 11.48
N GLY C 395 24.53 -25.63 12.56
CA GLY C 395 25.91 -26.00 12.79
C GLY C 395 26.10 -27.50 12.60
N ASP C 396 25.78 -28.30 13.63
CA ASP C 396 25.96 -29.76 13.55
C ASP C 396 25.78 -30.29 12.14
N PRO C 397 26.90 -30.44 11.42
CA PRO C 397 26.99 -30.94 10.04
C PRO C 397 25.93 -31.93 9.64
N ALA C 398 25.64 -32.87 10.53
CA ALA C 398 24.65 -33.91 10.28
C ALA C 398 23.28 -33.33 9.88
N ASP C 399 22.69 -32.56 10.79
CA ASP C 399 21.36 -31.97 10.60
C ASP C 399 21.36 -30.44 10.76
N GLN C 400 21.62 -29.71 9.67
CA GLN C 400 21.63 -28.25 9.72
C GLN C 400 20.21 -27.71 9.62
N HIS C 401 19.77 -27.02 10.67
CA HIS C 401 18.42 -26.46 10.75
C HIS C 401 18.33 -25.47 11.88
N LYS C 402 17.25 -24.69 11.90
CA LYS C 402 17.00 -23.71 12.95
C LYS C 402 15.71 -24.07 13.65
N VAL C 403 15.63 -23.75 14.93
CA VAL C 403 14.44 -24.04 15.72
C VAL C 403 13.77 -22.75 16.15
N TYR C 404 12.46 -22.68 15.92
CA TYR C 404 11.69 -21.47 16.27
C TYR C 404 10.49 -21.72 17.18
N ALA C 405 10.11 -20.68 17.91
CA ALA C 405 8.95 -20.75 18.79
C ALA C 405 8.04 -19.59 18.41
N LEU C 406 6.73 -19.80 18.50
CA LEU C 406 5.76 -18.75 18.18
C LEU C 406 5.76 -17.66 19.25
N SER C 407 5.58 -16.41 18.84
CA SER C 407 5.56 -15.29 19.76
C SER C 407 4.68 -15.51 20.99
N GLY C 408 5.29 -15.41 22.17
CA GLY C 408 4.55 -15.56 23.43
C GLY C 408 3.83 -16.87 23.71
N SER C 409 4.54 -17.84 24.27
CA SER C 409 3.94 -19.14 24.59
C SER C 409 4.93 -20.03 25.35
N LEU C 410 6.19 -19.66 25.25
CA LEU C 410 7.30 -20.36 25.91
C LEU C 410 8.58 -19.75 25.35
N SER C 411 8.58 -18.42 25.33
CA SER C 411 9.72 -17.65 24.85
C SER C 411 10.89 -17.80 25.83
N SER C 412 11.82 -18.68 25.47
CA SER C 412 13.00 -18.95 26.28
C SER C 412 14.22 -19.04 25.37
N ASP C 413 14.57 -17.91 24.76
CA ASP C 413 15.70 -17.79 23.85
C ASP C 413 16.98 -18.41 24.42
N SER C 414 17.31 -19.61 23.93
CA SER C 414 18.51 -20.33 24.37
C SER C 414 18.64 -21.67 23.65
N LEU C 429 36.57 -4.27 12.96
CA LEU C 429 37.88 -3.63 13.33
C LEU C 429 37.78 -2.89 14.66
N PRO C 430 36.68 -2.17 14.89
CA PRO C 430 36.51 -1.41 16.14
C PRO C 430 36.54 -2.29 17.39
N TRP C 431 35.97 -3.49 17.30
CA TRP C 431 35.96 -4.35 18.46
C TRP C 431 37.39 -4.67 18.88
N LEU C 432 38.25 -4.94 17.90
CA LEU C 432 39.63 -5.25 18.20
C LEU C 432 40.33 -4.03 18.79
N VAL C 433 39.97 -2.85 18.30
CA VAL C 433 40.59 -1.62 18.77
C VAL C 433 40.30 -1.47 20.27
N SER C 434 39.07 -1.78 20.66
CA SER C 434 38.69 -1.68 22.06
C SER C 434 39.43 -2.74 22.85
N GLN C 435 39.54 -3.93 22.26
CA GLN C 435 40.21 -5.06 22.88
C GLN C 435 41.69 -4.80 23.13
N LEU C 436 42.32 -4.05 22.23
CA LEU C 436 43.74 -3.77 22.34
C LEU C 436 44.10 -3.04 23.63
N ASP C 437 43.29 -2.07 24.01
CA ASP C 437 43.55 -1.31 25.23
C ASP C 437 43.36 -2.22 26.44
N LEU C 438 42.33 -3.04 26.39
CA LEU C 438 42.01 -3.94 27.49
C LEU C 438 43.07 -5.03 27.72
N GLY C 439 43.55 -5.62 26.62
CA GLY C 439 44.55 -6.67 26.72
C GLY C 439 44.39 -7.57 27.93
N GLN C 440 43.14 -7.83 28.33
CA GLN C 440 42.83 -8.66 29.49
C GLN C 440 43.62 -9.97 29.60
N LEU C 441 43.26 -10.95 28.77
CA LEU C 441 43.90 -12.26 28.80
C LEU C 441 45.38 -12.26 28.46
N GLU C 442 46.07 -13.30 28.93
CA GLU C 442 47.50 -13.46 28.68
C GLU C 442 47.73 -13.84 27.24
N GLY C 443 48.90 -13.49 26.72
CA GLY C 443 49.25 -13.79 25.35
C GLY C 443 49.26 -12.54 24.49
N VAL C 444 48.34 -11.64 24.79
CA VAL C 444 48.24 -10.39 24.04
C VAL C 444 48.73 -9.22 24.87
N ALA C 445 49.10 -8.14 24.18
CA ALA C 445 49.59 -6.93 24.83
C ALA C 445 50.08 -5.95 23.77
N TRP C 446 51.02 -5.11 24.16
CA TRP C 446 51.59 -4.13 23.25
C TRP C 446 53.10 -4.25 23.19
N VAL C 447 53.67 -3.77 22.07
CA VAL C 447 55.10 -3.77 21.83
C VAL C 447 55.35 -2.33 21.34
N ASN C 448 54.30 -1.77 20.77
CA ASN C 448 54.31 -0.41 20.24
C ASN C 448 53.48 0.50 21.12
N LYS C 449 54.14 1.40 21.84
CA LYS C 449 53.46 2.33 22.72
C LYS C 449 52.96 3.56 21.96
N SER C 450 52.28 3.31 20.84
CA SER C 450 51.72 4.38 20.02
C SER C 450 50.43 3.89 19.37
N ARG C 451 50.01 2.68 19.77
CA ARG C 451 48.79 2.04 19.29
C ARG C 451 48.70 1.79 17.77
N THR C 452 48.99 0.56 17.38
CA THR C 452 48.95 0.10 15.99
C THR C 452 49.69 -1.23 15.84
N ARG C 453 50.79 -1.39 16.58
CA ARG C 453 51.59 -2.63 16.53
C ARG C 453 51.32 -3.49 17.76
N PHE C 454 50.38 -4.42 17.63
CA PHE C 454 50.00 -5.33 18.71
C PHE C 454 50.34 -6.78 18.39
N ARG C 455 50.59 -7.55 19.45
CA ARG C 455 50.96 -8.96 19.31
C ARG C 455 49.86 -9.94 19.74
N ILE C 456 49.45 -10.80 18.80
CA ILE C 456 48.41 -11.81 19.03
C ILE C 456 49.01 -13.21 19.01
N PRO C 457 48.62 -14.06 19.97
CA PRO C 457 49.15 -15.43 20.01
C PRO C 457 48.78 -16.14 18.71
N TRP C 458 49.28 -17.36 18.50
CA TRP C 458 48.95 -18.08 17.28
C TRP C 458 49.57 -19.48 17.20
N LYS C 459 49.41 -20.25 18.27
CA LYS C 459 49.95 -21.60 18.30
C LYS C 459 49.08 -22.50 17.43
N HIS C 460 49.72 -23.43 16.73
CA HIS C 460 49.00 -24.36 15.85
C HIS C 460 48.24 -25.42 16.65
N GLY C 461 46.93 -25.43 16.50
CA GLY C 461 46.07 -26.36 17.22
C GLY C 461 46.46 -27.82 17.34
N LEU C 462 47.37 -28.29 16.50
CA LEU C 462 47.78 -29.69 16.55
C LEU C 462 48.95 -29.96 17.49
N ARG C 463 49.19 -29.04 18.42
CA ARG C 463 50.29 -29.20 19.38
C ARG C 463 49.79 -29.88 20.66
N GLN C 464 50.53 -30.87 21.14
CA GLN C 464 50.16 -31.58 22.36
C GLN C 464 49.98 -30.61 23.51
N ASP C 465 50.76 -29.54 23.48
CA ASP C 465 50.73 -28.49 24.49
C ASP C 465 49.66 -27.44 24.20
N ALA C 466 48.80 -27.71 23.22
CA ALA C 466 47.72 -26.80 22.83
C ALA C 466 46.74 -26.59 23.98
N GLN C 467 46.66 -25.35 24.45
CA GLN C 467 45.78 -25.01 25.57
C GLN C 467 44.43 -24.44 25.14
N GLN C 468 43.48 -24.53 26.06
CA GLN C 468 42.12 -24.03 25.86
C GLN C 468 42.13 -22.50 25.90
N GLU C 469 42.74 -21.96 26.94
CA GLU C 469 42.84 -20.52 27.12
C GLU C 469 43.93 -19.98 26.20
N ASP C 470 44.52 -20.87 25.39
CA ASP C 470 45.56 -20.49 24.45
C ASP C 470 44.90 -19.64 23.36
N PHE C 471 43.71 -20.07 22.97
CA PHE C 471 42.94 -19.36 21.95
C PHE C 471 41.96 -18.44 22.67
N GLY C 472 42.41 -17.85 23.77
CA GLY C 472 41.57 -16.96 24.54
C GLY C 472 41.15 -15.72 23.79
N ILE C 473 42.08 -15.11 23.04
CA ILE C 473 41.74 -13.93 22.28
C ILE C 473 40.71 -14.35 21.22
N PHE C 474 40.88 -15.57 20.69
CA PHE C 474 39.98 -16.13 19.67
C PHE C 474 38.59 -16.38 20.25
N GLN C 475 38.58 -16.90 21.47
CA GLN C 475 37.36 -17.22 22.17
C GLN C 475 36.55 -15.95 22.44
N ALA C 476 37.25 -14.85 22.68
CA ALA C 476 36.59 -13.59 22.97
C ALA C 476 35.72 -13.15 21.81
N TRP C 477 36.21 -13.29 20.60
CA TRP C 477 35.43 -12.87 19.44
C TRP C 477 34.17 -13.70 19.27
N ALA C 478 34.26 -15.02 19.46
CA ALA C 478 33.10 -15.87 19.29
C ALA C 478 32.01 -15.56 20.33
N GLU C 479 32.43 -15.35 21.57
CA GLU C 479 31.49 -15.01 22.62
C GLU C 479 30.89 -13.64 22.38
N ALA C 480 31.74 -12.68 22.01
CA ALA C 480 31.32 -11.31 21.78
C ALA C 480 30.52 -11.09 20.50
N THR C 481 29.96 -12.17 19.96
CA THR C 481 29.16 -12.08 18.75
C THR C 481 28.00 -13.05 18.88
N GLY C 482 27.83 -13.60 20.07
CA GLY C 482 26.75 -14.54 20.29
C GLY C 482 27.07 -15.84 19.58
N ALA C 483 28.20 -15.89 18.89
CA ALA C 483 28.63 -17.07 18.17
C ALA C 483 28.89 -18.20 19.15
N TYR C 484 29.47 -17.84 20.30
CA TYR C 484 29.76 -18.83 21.33
C TYR C 484 29.21 -18.44 22.68
N VAL C 485 28.65 -19.44 23.36
CA VAL C 485 28.08 -19.28 24.70
C VAL C 485 28.71 -20.40 25.54
N PRO C 486 29.50 -20.05 26.58
CA PRO C 486 30.16 -21.02 27.44
C PRO C 486 29.30 -22.18 27.96
N GLY C 487 27.99 -21.97 27.99
CA GLY C 487 27.11 -23.02 28.48
C GLY C 487 26.41 -23.87 27.42
N ARG C 488 25.79 -23.23 26.45
CA ARG C 488 25.07 -23.96 25.41
C ARG C 488 25.74 -23.93 24.05
N ASP C 489 26.93 -24.54 23.96
CA ASP C 489 27.68 -24.58 22.70
C ASP C 489 28.98 -25.36 22.82
N LYS C 490 29.10 -26.44 22.05
CA LYS C 490 30.35 -27.20 22.07
C LYS C 490 31.42 -26.25 21.55
N PRO C 491 32.65 -26.33 22.08
CA PRO C 491 33.71 -25.43 21.62
C PRO C 491 34.32 -25.86 20.28
N ASP C 492 34.51 -24.88 19.40
CA ASP C 492 35.08 -25.12 18.06
C ASP C 492 36.29 -24.20 17.91
N LEU C 493 37.47 -24.73 18.23
CA LEU C 493 38.69 -23.92 18.18
C LEU C 493 39.14 -23.45 16.81
N PRO C 494 39.14 -24.35 15.80
CA PRO C 494 39.57 -23.92 14.47
C PRO C 494 38.65 -22.85 13.85
N THR C 495 37.35 -22.96 14.11
CA THR C 495 36.38 -22.00 13.60
C THR C 495 36.58 -20.63 14.26
N TRP C 496 36.84 -20.63 15.56
CA TRP C 496 37.04 -19.37 16.25
C TRP C 496 38.26 -18.69 15.65
N LYS C 497 39.30 -19.49 15.40
CA LYS C 497 40.55 -18.99 14.84
C LYS C 497 40.33 -18.53 13.39
N ARG C 498 39.58 -19.32 12.61
CA ARG C 498 39.31 -18.98 11.22
C ARG C 498 38.45 -17.72 11.09
N ASN C 499 37.40 -17.64 11.90
CA ASN C 499 36.54 -16.48 11.80
C ASN C 499 37.23 -15.21 12.28
N PHE C 500 38.05 -15.32 13.31
CA PHE C 500 38.77 -14.16 13.82
C PHE C 500 39.70 -13.69 12.71
N ARG C 501 40.33 -14.65 12.06
CA ARG C 501 41.24 -14.35 10.96
C ARG C 501 40.54 -13.82 9.71
N SER C 502 39.41 -14.44 9.34
CA SER C 502 38.66 -14.05 8.15
C SER C 502 38.16 -12.63 8.23
N ALA C 503 37.79 -12.21 9.42
CA ALA C 503 37.29 -10.87 9.62
C ALA C 503 38.36 -9.85 9.28
N LEU C 504 39.59 -10.10 9.73
CA LEU C 504 40.69 -9.17 9.54
C LEU C 504 41.09 -9.09 8.07
N ASN C 505 41.08 -10.23 7.40
CA ASN C 505 41.91 -10.43 6.21
C ASN C 505 41.75 -9.30 5.20
N ARG C 506 40.72 -9.42 4.35
CA ARG C 506 40.54 -8.49 3.24
C ARG C 506 39.73 -7.27 3.66
N LYS C 507 40.31 -6.47 4.55
CA LYS C 507 39.56 -5.46 5.28
C LYS C 507 40.10 -4.04 5.09
N GLU C 508 40.86 -3.85 4.01
CA GLU C 508 41.47 -2.56 3.66
C GLU C 508 41.48 -1.51 4.77
N GLY C 509 42.61 -1.42 5.47
CA GLY C 509 42.73 -0.48 6.57
C GLY C 509 43.31 -1.23 7.74
N LEU C 510 43.99 -2.34 7.42
CA LEU C 510 44.61 -3.19 8.43
C LEU C 510 45.28 -4.38 7.76
N ARG C 511 46.46 -4.76 8.28
CA ARG C 511 47.18 -5.92 7.74
C ARG C 511 48.25 -6.45 8.70
N LEU C 512 48.98 -7.47 8.26
CA LEU C 512 50.02 -8.11 9.05
C LEU C 512 51.35 -7.37 9.18
N ALA C 513 52.18 -7.88 10.08
CA ALA C 513 53.52 -7.32 10.33
C ALA C 513 54.50 -8.47 10.24
N GLU C 514 54.79 -9.10 11.37
CA GLU C 514 55.71 -10.23 11.40
C GLU C 514 54.88 -11.52 11.41
N ASP C 515 55.49 -12.65 11.77
CA ASP C 515 54.74 -13.90 11.77
C ASP C 515 55.45 -15.06 12.45
N ARG C 516 55.67 -14.96 13.75
CA ARG C 516 56.32 -16.03 14.51
C ARG C 516 55.31 -17.14 14.78
N SER C 517 54.36 -17.31 13.87
CA SER C 517 53.35 -18.35 14.03
C SER C 517 54.03 -19.71 13.95
N LYS C 518 54.96 -19.83 13.02
CA LYS C 518 55.72 -21.06 12.82
C LYS C 518 56.69 -21.31 13.96
N ASP C 519 57.14 -20.23 14.60
CA ASP C 519 58.09 -20.28 15.71
C ASP C 519 57.72 -21.37 16.72
N PRO C 520 58.50 -22.47 16.76
CA PRO C 520 58.28 -23.60 17.68
C PRO C 520 58.20 -23.22 19.16
N HIS C 521 58.92 -22.18 19.55
CA HIS C 521 58.93 -21.75 20.95
C HIS C 521 57.82 -20.80 21.36
N ASP C 522 57.77 -19.62 20.75
CA ASP C 522 56.77 -18.63 21.10
C ASP C 522 55.90 -18.22 19.91
N PRO C 523 54.87 -19.02 19.60
CA PRO C 523 53.96 -18.74 18.49
C PRO C 523 53.18 -17.45 18.67
N HIS C 524 53.14 -16.63 17.62
CA HIS C 524 52.41 -15.37 17.65
C HIS C 524 52.67 -14.54 16.40
N LYS C 525 51.69 -13.73 16.02
CA LYS C 525 51.82 -12.87 14.86
C LYS C 525 51.85 -11.42 15.33
N ILE C 526 51.74 -10.49 14.39
CA ILE C 526 51.74 -9.06 14.69
C ILE C 526 51.03 -8.30 13.58
N TYR C 527 50.02 -7.50 13.93
CA TYR C 527 49.27 -6.72 12.95
C TYR C 527 49.43 -5.23 13.19
N GLU C 528 48.84 -4.43 12.31
CA GLU C 528 48.87 -2.97 12.41
C GLU C 528 47.80 -2.38 11.49
N PHE C 529 47.43 -1.14 11.73
CA PHE C 529 46.41 -0.47 10.92
C PHE C 529 47.04 0.52 9.94
N VAL C 530 46.20 1.15 9.12
CA VAL C 530 46.64 2.12 8.13
C VAL C 530 45.45 2.56 7.27
N ASN C 531 44.66 3.49 7.80
CA ASN C 531 43.48 4.00 7.11
C ASN C 531 43.75 4.30 5.63
N MET D 1 28.53 13.24 -42.64
CA MET D 1 27.90 14.59 -42.68
C MET D 1 27.25 14.87 -41.32
N ASP D 2 27.19 13.83 -40.49
CA ASP D 2 26.57 13.93 -39.18
C ASP D 2 27.51 14.48 -38.12
N GLY D 3 27.14 14.22 -36.86
CA GLY D 3 27.91 14.67 -35.71
C GLY D 3 27.45 13.85 -34.51
N PRO D 4 28.02 14.05 -33.32
CA PRO D 4 27.58 13.27 -32.16
C PRO D 4 26.12 13.58 -31.77
N TYR D 5 25.36 12.56 -31.40
CA TYR D 5 23.97 12.76 -31.03
C TYR D 5 23.50 11.74 -30.00
N LEU D 6 22.33 12.01 -29.42
CA LEU D 6 21.74 11.16 -28.39
C LEU D 6 20.56 10.36 -28.94
N GLN D 7 20.58 9.05 -28.72
CA GLN D 7 19.53 8.17 -29.19
C GLN D 7 18.86 7.45 -28.02
N ILE D 8 17.53 7.41 -28.02
CA ILE D 8 16.83 6.72 -26.94
C ILE D 8 16.78 5.25 -27.34
N LEU D 9 17.52 4.42 -26.61
CA LEU D 9 17.53 2.99 -26.89
C LEU D 9 16.20 2.41 -26.45
N GLU D 10 16.04 2.25 -25.13
CA GLU D 10 14.79 1.75 -24.58
C GLU D 10 13.98 2.93 -24.05
N GLN D 11 12.73 2.99 -24.48
CA GLN D 11 11.82 4.05 -24.06
C GLN D 11 11.20 3.65 -22.71
N PRO D 12 10.68 4.63 -21.94
CA PRO D 12 10.07 4.25 -20.65
C PRO D 12 8.69 3.67 -20.93
N LYS D 13 8.24 2.67 -20.17
CA LYS D 13 6.91 2.09 -20.42
C LYS D 13 5.86 3.19 -20.26
N GLN D 14 4.86 3.20 -21.13
CA GLN D 14 3.84 4.24 -21.10
C GLN D 14 2.73 4.16 -20.06
N ARG D 15 2.25 2.95 -19.78
CA ARG D 15 1.18 2.83 -18.81
C ARG D 15 1.51 1.95 -17.63
N GLY D 16 0.77 2.14 -16.54
CA GLY D 16 0.98 1.33 -15.36
C GLY D 16 1.91 1.86 -14.27
N PHE D 17 2.54 3.02 -14.46
CA PHE D 17 3.43 3.54 -13.42
C PHE D 17 2.69 4.54 -12.57
N ARG D 18 2.80 4.39 -11.26
CA ARG D 18 2.10 5.28 -10.34
C ARG D 18 2.92 6.48 -9.88
N PHE D 19 2.43 7.67 -10.19
CA PHE D 19 3.11 8.91 -9.78
C PHE D 19 2.91 8.99 -8.27
N ARG D 20 3.83 9.64 -7.56
CA ARG D 20 3.76 9.71 -6.10
C ARG D 20 3.82 11.07 -5.43
N TYR D 21 2.87 11.35 -4.56
CA TYR D 21 2.86 12.61 -3.83
C TYR D 21 4.05 12.52 -2.86
N VAL D 22 4.58 13.65 -2.39
CA VAL D 22 5.73 13.56 -1.50
C VAL D 22 5.36 12.97 -0.15
N CYS D 23 4.09 13.06 0.21
CA CYS D 23 3.65 12.50 1.48
C CYS D 23 3.69 10.98 1.47
N GLU D 24 3.78 10.38 0.30
CA GLU D 24 3.81 8.92 0.22
C GLU D 24 5.21 8.37 0.47
N GLY D 25 6.15 9.25 0.79
CA GLY D 25 7.51 8.79 1.04
C GLY D 25 8.32 8.66 -0.23
N PRO D 26 9.65 8.59 -0.12
CA PRO D 26 10.51 8.46 -1.29
C PRO D 26 10.55 7.02 -1.78
N SER D 27 10.80 6.85 -3.07
CA SER D 27 10.93 5.51 -3.63
C SER D 27 9.76 4.57 -3.42
N HIS D 28 9.15 4.18 -4.52
CA HIS D 28 8.05 3.22 -4.50
C HIS D 28 8.24 2.47 -5.81
N GLY D 29 9.51 2.40 -6.21
CA GLY D 29 9.86 1.73 -7.44
C GLY D 29 10.13 2.79 -8.47
N GLY D 30 11.03 2.51 -9.41
CA GLY D 30 11.34 3.48 -10.43
C GLY D 30 10.68 3.17 -11.76
N LEU D 31 10.38 4.23 -12.50
CA LEU D 31 9.75 4.11 -13.80
C LEU D 31 10.37 2.99 -14.67
N PRO D 32 9.55 2.00 -15.08
CA PRO D 32 10.00 0.86 -15.91
C PRO D 32 10.27 1.21 -17.36
N GLY D 33 11.10 0.38 -18.01
CA GLY D 33 11.40 0.59 -19.41
C GLY D 33 10.32 -0.14 -20.19
N ALA D 34 10.04 0.27 -21.42
CA ALA D 34 8.98 -0.37 -22.22
C ALA D 34 9.12 -1.88 -22.39
N SER D 35 10.35 -2.38 -22.30
CA SER D 35 10.61 -3.80 -22.47
C SER D 35 10.51 -4.59 -21.16
N SER D 36 10.58 -3.88 -20.03
CA SER D 36 10.53 -4.52 -18.70
C SER D 36 9.30 -5.41 -18.49
N GLU D 37 9.51 -6.53 -17.80
CA GLU D 37 8.42 -7.44 -17.54
C GLU D 37 8.49 -8.15 -16.19
N LYS D 38 7.43 -8.91 -15.90
CA LYS D 38 7.27 -9.66 -14.66
C LYS D 38 8.47 -9.71 -13.70
N ASN D 39 9.27 -10.76 -13.82
CA ASN D 39 10.43 -10.94 -12.95
C ASN D 39 11.73 -10.57 -13.66
N LYS D 40 11.60 -10.03 -14.87
CA LYS D 40 12.78 -9.62 -15.63
C LYS D 40 12.58 -8.13 -15.95
N LYS D 41 13.11 -7.29 -15.08
CA LYS D 41 12.97 -5.84 -15.21
C LYS D 41 13.98 -5.15 -16.12
N SER D 42 13.57 -3.99 -16.67
CA SER D 42 14.42 -3.18 -17.55
C SER D 42 14.05 -1.71 -17.30
N TYR D 43 14.84 -0.79 -17.85
CA TYR D 43 14.60 0.64 -17.63
C TYR D 43 14.84 1.50 -18.87
N PRO D 44 14.41 2.78 -18.83
CA PRO D 44 14.66 3.61 -20.02
C PRO D 44 16.15 3.80 -20.26
N GLN D 45 16.55 3.78 -21.53
CA GLN D 45 17.95 3.92 -21.90
C GLN D 45 18.27 4.85 -23.07
N VAL D 46 19.40 5.52 -22.95
CA VAL D 46 19.88 6.44 -23.98
C VAL D 46 21.31 6.01 -24.39
N LYS D 47 21.69 6.33 -25.61
CA LYS D 47 23.01 5.97 -26.11
C LYS D 47 23.63 7.13 -26.86
N ILE D 48 24.79 7.59 -26.41
CA ILE D 48 25.48 8.70 -27.08
C ILE D 48 26.23 8.14 -28.28
N CYS D 49 25.70 8.42 -29.47
CA CYS D 49 26.31 7.91 -30.69
C CYS D 49 27.38 8.85 -31.25
N ASN D 50 28.32 8.26 -31.99
CA ASN D 50 29.45 9.02 -32.55
C ASN D 50 30.15 9.56 -31.32
N TYR D 51 30.32 8.67 -30.35
CA TYR D 51 30.93 8.90 -29.03
C TYR D 51 31.70 10.18 -28.81
N VAL D 52 31.97 10.45 -27.54
CA VAL D 52 32.74 11.63 -27.12
C VAL D 52 33.25 11.40 -25.70
N GLY D 53 34.01 10.31 -25.52
CA GLY D 53 34.58 9.95 -24.23
C GLY D 53 33.62 10.20 -23.10
N PRO D 54 34.06 10.94 -22.07
CA PRO D 54 33.20 11.24 -20.93
C PRO D 54 32.09 12.20 -21.37
N ALA D 55 30.94 12.12 -20.69
CA ALA D 55 29.79 12.96 -21.01
C ALA D 55 28.80 12.90 -19.87
N LYS D 56 28.05 13.99 -19.66
CA LYS D 56 27.07 14.01 -18.59
C LYS D 56 25.67 14.25 -19.14
N VAL D 57 24.80 13.25 -18.98
CA VAL D 57 23.42 13.36 -19.45
C VAL D 57 22.47 13.75 -18.32
N ILE D 58 21.46 14.54 -18.67
CA ILE D 58 20.46 14.98 -17.70
C ILE D 58 19.07 14.65 -18.26
N VAL D 59 18.09 14.54 -17.37
CA VAL D 59 16.72 14.25 -17.78
C VAL D 59 15.79 15.25 -17.10
N GLN D 60 14.78 15.71 -17.83
CA GLN D 60 13.82 16.68 -17.29
C GLN D 60 12.41 16.24 -17.64
N LEU D 61 11.43 16.68 -16.87
CA LEU D 61 10.05 16.34 -17.16
C LEU D 61 9.47 17.46 -17.96
N VAL D 62 9.05 17.13 -19.18
CA VAL D 62 8.46 18.11 -20.07
C VAL D 62 7.02 17.72 -20.25
N THR D 63 6.18 18.66 -20.65
CA THR D 63 4.76 18.37 -20.82
C THR D 63 4.51 17.52 -22.05
N ASN D 64 3.24 17.27 -22.37
CA ASN D 64 2.90 16.42 -23.50
C ASN D 64 2.12 17.13 -24.59
N GLY D 65 1.95 18.44 -24.44
CA GLY D 65 1.23 19.19 -25.45
C GLY D 65 1.96 19.37 -26.76
N LYS D 66 1.36 20.16 -27.63
CA LYS D 66 1.92 20.48 -28.94
C LYS D 66 3.25 21.19 -28.67
N ASN D 67 3.21 22.16 -27.75
CA ASN D 67 4.39 22.93 -27.38
C ASN D 67 5.08 22.28 -26.18
N ILE D 68 6.19 21.59 -26.45
CA ILE D 68 6.96 20.92 -25.41
C ILE D 68 7.36 21.93 -24.32
N HIS D 69 6.77 21.79 -23.13
CA HIS D 69 7.06 22.70 -22.02
C HIS D 69 7.63 21.99 -20.79
N LEU D 70 7.83 22.79 -19.75
CA LEU D 70 8.36 22.31 -18.48
C LEU D 70 7.18 21.86 -17.62
N HIS D 71 7.24 20.63 -17.12
CA HIS D 71 6.15 20.11 -16.29
C HIS D 71 6.32 20.51 -14.81
N ALA D 72 5.23 20.48 -14.04
CA ALA D 72 5.31 20.84 -12.63
C ALA D 72 5.69 19.65 -11.74
N HIS D 73 5.52 18.43 -12.27
CA HIS D 73 5.87 17.23 -11.52
C HIS D 73 7.37 17.18 -11.52
N SER D 74 7.97 16.36 -10.67
CA SER D 74 9.43 16.29 -10.63
C SER D 74 9.97 14.88 -10.66
N LEU D 75 11.24 14.76 -11.05
CA LEU D 75 11.87 13.47 -11.07
C LEU D 75 12.60 13.33 -9.76
N VAL D 76 12.59 12.16 -9.16
CA VAL D 76 13.30 12.00 -7.90
C VAL D 76 13.95 10.64 -7.84
N GLY D 77 14.89 10.49 -6.92
CA GLY D 77 15.60 9.22 -6.74
C GLY D 77 17.10 9.32 -6.98
N LYS D 78 17.68 8.17 -7.34
CA LYS D 78 19.11 7.97 -7.66
C LYS D 78 20.00 9.21 -7.74
N HIS D 79 20.01 9.88 -8.89
CA HIS D 79 20.83 11.07 -9.08
C HIS D 79 19.95 12.25 -9.45
N CYS D 80 19.04 12.65 -8.56
CA CYS D 80 18.16 13.77 -8.88
C CYS D 80 18.26 14.93 -7.91
N GLU D 81 17.91 16.11 -8.41
CA GLU D 81 17.95 17.35 -7.65
C GLU D 81 17.09 18.37 -8.38
N ASP D 82 16.10 18.92 -7.69
CA ASP D 82 15.18 19.88 -8.28
C ASP D 82 14.50 19.29 -9.51
N GLY D 83 14.06 18.05 -9.40
CA GLY D 83 13.38 17.39 -10.50
C GLY D 83 14.17 17.19 -11.77
N ILE D 84 15.50 17.23 -11.66
CA ILE D 84 16.36 17.02 -12.81
C ILE D 84 17.33 15.90 -12.48
N CYS D 85 17.40 14.92 -13.34
CA CYS D 85 18.32 13.83 -13.09
C CYS D 85 19.61 14.13 -13.84
N THR D 86 20.74 13.95 -13.16
CA THR D 86 22.04 14.22 -13.77
C THR D 86 22.94 13.02 -13.56
N VAL D 87 23.27 12.34 -14.65
CA VAL D 87 24.14 11.18 -14.55
C VAL D 87 25.35 11.32 -15.47
N THR D 88 26.47 10.78 -15.03
CA THR D 88 27.69 10.81 -15.82
C THR D 88 27.80 9.50 -16.57
N ALA D 89 28.55 9.53 -17.66
CA ALA D 89 28.73 8.33 -18.48
C ALA D 89 29.63 8.65 -19.64
N GLY D 90 30.17 7.63 -20.29
CA GLY D 90 31.03 7.86 -21.43
C GLY D 90 32.50 7.49 -21.36
N PRO D 91 33.04 7.11 -20.19
CA PRO D 91 34.47 6.76 -20.23
C PRO D 91 34.71 5.85 -21.43
N LYS D 92 34.15 4.65 -21.38
CA LYS D 92 34.26 3.68 -22.47
C LYS D 92 32.84 3.41 -22.96
N ASP D 93 31.95 3.17 -22.00
CA ASP D 93 30.54 2.89 -22.31
C ASP D 93 29.79 4.17 -22.71
N MET D 94 28.93 4.06 -23.71
CA MET D 94 28.17 5.21 -24.17
C MET D 94 26.66 5.00 -24.02
N VAL D 95 26.30 3.96 -23.29
CA VAL D 95 24.91 3.64 -23.04
C VAL D 95 24.63 3.85 -21.55
N VAL D 96 23.76 4.81 -21.25
CA VAL D 96 23.40 5.11 -19.88
C VAL D 96 22.09 4.44 -19.50
N GLY D 97 22.03 3.96 -18.25
CA GLY D 97 20.82 3.32 -17.77
C GLY D 97 20.13 4.22 -16.76
N PHE D 98 18.80 4.16 -16.70
CA PHE D 98 18.06 4.99 -15.77
C PHE D 98 17.09 4.22 -14.89
N ALA D 99 17.62 3.57 -13.86
CA ALA D 99 16.78 2.84 -12.91
C ALA D 99 16.58 3.81 -11.74
N ASN D 100 15.68 3.47 -10.83
CA ASN D 100 15.42 4.33 -9.68
C ASN D 100 14.87 5.72 -10.01
N LEU D 101 14.19 5.86 -11.13
CA LEU D 101 13.59 7.14 -11.47
C LEU D 101 12.11 7.17 -11.06
N GLY D 102 11.76 8.09 -10.16
CA GLY D 102 10.38 8.22 -9.73
C GLY D 102 9.81 9.56 -10.16
N ILE D 103 8.49 9.63 -10.31
CA ILE D 103 7.83 10.87 -10.70
C ILE D 103 7.03 11.47 -9.54
N LEU D 104 7.55 12.55 -8.97
CA LEU D 104 6.87 13.18 -7.87
C LEU D 104 5.64 13.90 -8.39
N HIS D 105 4.48 13.50 -7.84
CA HIS D 105 3.20 14.09 -8.22
C HIS D 105 3.02 15.38 -7.44
N VAL D 106 3.14 16.51 -8.12
CA VAL D 106 2.99 17.76 -7.43
C VAL D 106 1.51 17.96 -7.13
N THR D 107 1.22 18.73 -6.09
CA THR D 107 -0.14 19.00 -5.70
C THR D 107 -0.74 20.09 -6.59
N LYS D 108 -2.07 20.13 -6.68
CA LYS D 108 -2.72 21.13 -7.53
C LYS D 108 -2.42 22.56 -7.09
N LYS D 109 -2.80 22.92 -5.87
CA LYS D 109 -2.55 24.26 -5.36
C LYS D 109 -1.07 24.64 -5.57
N LYS D 110 -0.22 23.64 -5.43
CA LYS D 110 1.23 23.71 -5.60
C LYS D 110 1.83 23.95 -6.99
N VAL D 111 1.10 23.57 -8.05
CA VAL D 111 1.60 23.68 -9.43
C VAL D 111 2.06 25.06 -9.91
N PHE D 112 1.37 26.13 -9.53
CA PHE D 112 1.83 27.42 -10.04
C PHE D 112 3.20 27.86 -9.51
N GLU D 113 3.42 27.74 -8.21
CA GLU D 113 4.70 28.15 -7.63
C GLU D 113 5.82 27.24 -8.10
N THR D 114 5.51 25.96 -8.23
CA THR D 114 6.50 25.01 -8.67
C THR D 114 6.88 25.33 -10.11
N LEU D 115 5.89 25.62 -10.93
CA LEU D 115 6.20 25.89 -12.31
C LEU D 115 7.05 27.15 -12.43
N GLU D 116 6.68 28.18 -11.68
CA GLU D 116 7.37 29.48 -11.71
C GLU D 116 8.81 29.33 -11.25
N ALA D 117 9.00 28.56 -10.19
CA ALA D 117 10.33 28.31 -9.65
C ALA D 117 11.15 27.46 -10.61
N ARG D 118 10.51 26.47 -11.20
CA ARG D 118 11.16 25.56 -12.13
C ARG D 118 11.58 26.31 -13.41
N MET D 119 10.69 27.17 -13.94
CA MET D 119 11.05 27.93 -15.13
C MET D 119 12.09 29.00 -14.84
N THR D 120 11.99 29.63 -13.67
CA THR D 120 12.94 30.67 -13.27
C THR D 120 14.32 30.08 -13.22
N GLU D 121 14.44 28.83 -12.78
CA GLU D 121 15.76 28.20 -12.72
C GLU D 121 16.26 28.14 -14.15
N ALA D 122 15.37 27.84 -15.09
CA ALA D 122 15.77 27.73 -16.49
C ALA D 122 16.22 29.03 -17.16
N CYS D 123 15.51 30.13 -16.92
CA CYS D 123 15.89 31.40 -17.54
C CYS D 123 17.26 31.79 -17.02
N ILE D 124 17.45 31.61 -15.72
CA ILE D 124 18.71 31.93 -15.07
C ILE D 124 19.87 30.97 -15.40
N ARG D 125 19.59 29.67 -15.40
CA ARG D 125 20.63 28.67 -15.66
C ARG D 125 20.83 28.45 -17.15
N GLY D 126 21.91 27.76 -17.48
CA GLY D 126 22.23 27.51 -18.88
C GLY D 126 21.96 26.12 -19.42
N TYR D 127 20.80 25.57 -19.09
CA TYR D 127 20.44 24.24 -19.58
C TYR D 127 19.78 24.37 -20.95
N ASN D 128 18.46 24.34 -20.98
CA ASN D 128 17.72 24.46 -22.24
C ASN D 128 17.14 25.87 -22.45
N PRO D 129 17.48 26.49 -23.60
CA PRO D 129 17.07 27.85 -24.02
C PRO D 129 15.59 28.21 -23.87
N GLY D 130 15.24 29.41 -24.32
CA GLY D 130 13.87 29.89 -24.22
C GLY D 130 12.88 29.10 -25.05
N LEU D 131 12.97 27.78 -24.96
CA LEU D 131 12.10 26.86 -25.69
C LEU D 131 10.97 26.43 -24.76
N LEU D 132 11.36 25.73 -23.70
CA LEU D 132 10.43 25.19 -22.72
C LEU D 132 9.75 26.26 -21.90
N VAL D 133 10.24 27.49 -21.98
CA VAL D 133 9.64 28.56 -21.19
C VAL D 133 8.77 29.52 -22.00
N HIS D 134 9.38 30.24 -22.92
CA HIS D 134 8.63 31.20 -23.70
C HIS D 134 9.45 31.76 -24.86
N PRO D 135 8.81 32.02 -26.01
CA PRO D 135 9.53 32.57 -27.16
C PRO D 135 10.07 33.96 -26.86
N ASP D 136 11.29 34.02 -26.34
CA ASP D 136 11.92 35.27 -26.00
C ASP D 136 13.43 35.13 -25.99
N LEU D 137 14.10 36.04 -25.28
CA LEU D 137 15.54 36.05 -25.14
C LEU D 137 15.98 34.64 -24.73
N ALA D 138 16.18 33.78 -25.73
CA ALA D 138 16.56 32.40 -25.49
C ALA D 138 18.07 32.23 -25.34
N TYR D 139 18.79 33.34 -25.19
CA TYR D 139 20.24 33.31 -25.02
C TYR D 139 20.55 32.68 -23.65
N LEU D 140 21.57 33.21 -22.98
CA LEU D 140 21.96 32.72 -21.67
C LEU D 140 22.21 31.21 -21.69
N GLN D 141 22.84 30.73 -22.75
CA GLN D 141 23.11 29.29 -22.90
C GLN D 141 24.35 28.81 -22.15
N ALA D 142 24.87 27.67 -22.58
CA ALA D 142 26.06 27.08 -21.97
C ALA D 142 27.29 27.57 -22.74
N GLU D 143 27.08 28.64 -23.50
CA GLU D 143 28.14 29.25 -24.32
C GLU D 143 29.24 29.92 -23.48
N GLY D 144 28.91 31.05 -22.85
CA GLY D 144 29.88 31.74 -22.03
C GLY D 144 29.98 31.14 -20.64
N GLY D 145 29.01 31.46 -19.79
CA GLY D 145 29.01 30.94 -18.43
C GLY D 145 27.64 30.43 -18.01
N GLY D 146 27.49 30.08 -16.74
CA GLY D 146 26.21 29.57 -16.27
C GLY D 146 25.56 30.40 -15.17
N ASP D 147 24.73 31.36 -15.57
CA ASP D 147 24.01 32.24 -14.65
C ASP D 147 23.67 33.56 -15.34
N ARG D 148 22.48 34.10 -15.08
CA ARG D 148 22.07 35.35 -15.70
C ARG D 148 21.23 36.23 -14.77
N GLN D 149 21.51 37.52 -14.77
CA GLN D 149 20.78 38.48 -13.95
C GLN D 149 19.35 38.65 -14.43
N LEU D 150 18.41 38.10 -13.69
CA LEU D 150 17.01 38.18 -14.07
C LEU D 150 16.52 39.62 -14.03
N GLY D 151 16.39 40.22 -15.21
CA GLY D 151 15.93 41.60 -15.31
C GLY D 151 14.56 41.75 -14.67
N ASP D 152 14.18 42.96 -14.30
CA ASP D 152 12.89 43.19 -13.66
C ASP D 152 11.77 42.83 -14.64
N ARG D 153 11.95 43.21 -15.90
CA ARG D 153 10.98 42.94 -16.95
C ARG D 153 10.84 41.45 -17.27
N GLU D 154 11.97 40.73 -17.23
CA GLU D 154 11.99 39.30 -17.52
C GLU D 154 11.13 38.53 -16.52
N LYS D 155 11.15 38.99 -15.27
CA LYS D 155 10.41 38.34 -14.21
C LYS D 155 8.91 38.34 -14.50
N GLU D 156 8.41 39.44 -15.08
CA GLU D 156 7.00 39.51 -15.41
C GLU D 156 6.65 38.45 -16.45
N LEU D 157 7.58 38.21 -17.38
CA LEU D 157 7.34 37.22 -18.41
C LEU D 157 7.20 35.81 -17.85
N ILE D 158 8.06 35.46 -16.90
CA ILE D 158 8.01 34.13 -16.29
C ILE D 158 6.68 33.94 -15.56
N ARG D 159 6.26 34.97 -14.85
CA ARG D 159 5.02 34.92 -14.08
C ARG D 159 3.82 34.73 -15.01
N GLN D 160 3.82 35.42 -16.14
CA GLN D 160 2.72 35.32 -17.10
C GLN D 160 2.68 33.93 -17.74
N ALA D 161 3.86 33.41 -18.09
CA ALA D 161 3.94 32.09 -18.70
C ALA D 161 3.53 31.06 -17.66
N ALA D 162 3.91 31.29 -16.41
CA ALA D 162 3.58 30.38 -15.35
C ALA D 162 2.07 30.31 -15.14
N LEU D 163 1.41 31.45 -15.18
CA LEU D 163 -0.03 31.49 -14.98
C LEU D 163 -0.79 30.82 -16.13
N GLN D 164 -0.34 31.06 -17.36
CA GLN D 164 -0.99 30.47 -18.53
C GLN D 164 -0.77 28.97 -18.58
N GLN D 165 0.47 28.57 -18.34
CA GLN D 165 0.85 27.17 -18.37
C GLN D 165 0.22 26.33 -17.27
N THR D 166 0.00 26.91 -16.10
CA THR D 166 -0.60 26.17 -15.00
C THR D 166 -1.98 25.71 -15.45
N LYS D 167 -2.70 26.57 -16.16
CA LYS D 167 -4.03 26.21 -16.65
C LYS D 167 -3.97 25.12 -17.70
N GLU D 168 -2.95 25.14 -18.54
CA GLU D 168 -2.77 24.14 -19.59
C GLU D 168 -2.24 22.82 -19.02
N MET D 169 -1.48 22.91 -17.94
CA MET D 169 -0.88 21.76 -17.30
C MET D 169 -1.83 20.59 -17.06
N ASP D 170 -1.43 19.41 -17.51
CA ASP D 170 -2.17 18.17 -17.34
C ASP D 170 -1.32 17.35 -16.36
N LEU D 171 -1.86 17.09 -15.17
CA LEU D 171 -1.10 16.35 -14.17
C LEU D 171 -1.19 14.83 -14.25
N SER D 172 -1.80 14.32 -15.32
CA SER D 172 -1.94 12.87 -15.47
C SER D 172 -0.93 12.32 -16.51
N VAL D 173 -0.39 13.20 -17.34
CA VAL D 173 0.57 12.75 -18.33
C VAL D 173 1.83 13.63 -18.32
N VAL D 174 2.97 13.00 -18.58
CA VAL D 174 4.25 13.69 -18.57
C VAL D 174 5.21 13.06 -19.60
N ARG D 175 6.30 13.77 -19.93
CA ARG D 175 7.31 13.28 -20.85
C ARG D 175 8.76 13.54 -20.39
N LEU D 176 9.67 12.64 -20.76
CA LEU D 176 11.08 12.75 -20.41
C LEU D 176 11.88 13.36 -21.57
N MET D 177 12.73 14.33 -21.24
CA MET D 177 13.56 14.97 -22.25
C MET D 177 15.02 14.79 -21.87
N PHE D 178 15.74 14.02 -22.66
CA PHE D 178 17.15 13.74 -22.39
C PHE D 178 18.08 14.74 -23.08
N THR D 179 19.02 15.28 -22.32
CA THR D 179 19.99 16.21 -22.89
C THR D 179 21.39 15.78 -22.48
N ALA D 180 22.24 15.51 -23.47
CA ALA D 180 23.62 15.09 -23.23
C ALA D 180 24.60 16.27 -23.31
N PHE D 181 25.77 16.11 -22.69
CA PHE D 181 26.80 17.14 -22.73
C PHE D 181 28.21 16.53 -22.79
N LEU D 182 29.05 17.09 -23.68
CA LEU D 182 30.42 16.62 -23.87
C LEU D 182 31.39 17.61 -23.24
N PRO D 183 32.52 17.10 -22.73
CA PRO D 183 33.56 17.88 -22.08
C PRO D 183 34.01 19.14 -22.79
N ASP D 184 34.57 20.05 -22.00
CA ASP D 184 35.08 21.34 -22.42
C ASP D 184 36.59 21.19 -22.56
N SER D 185 37.27 22.22 -23.05
CA SER D 185 38.71 22.15 -23.17
C SER D 185 39.22 22.07 -21.74
N THR D 186 38.43 22.63 -20.84
CA THR D 186 38.74 22.66 -19.41
C THR D 186 38.27 21.36 -18.73
N GLY D 187 37.70 20.46 -19.53
CA GLY D 187 37.20 19.21 -18.99
C GLY D 187 35.73 19.31 -18.58
N SER D 188 35.18 20.54 -18.62
CA SER D 188 33.79 20.82 -18.23
C SER D 188 32.74 20.38 -19.26
N PHE D 189 31.59 19.91 -18.77
CA PHE D 189 30.53 19.45 -19.64
C PHE D 189 29.59 20.58 -20.06
N THR D 190 29.95 21.24 -21.16
CA THR D 190 29.19 22.37 -21.68
C THR D 190 28.78 22.15 -23.13
N ARG D 191 29.46 21.22 -23.80
CA ARG D 191 29.17 20.91 -25.19
C ARG D 191 27.82 20.21 -25.31
N ARG D 192 26.78 20.99 -25.59
CA ARG D 192 25.42 20.49 -25.69
C ARG D 192 24.94 19.97 -27.05
N LEU D 193 24.57 18.69 -27.10
CA LEU D 193 24.06 18.07 -28.32
C LEU D 193 22.56 18.36 -28.37
N GLU D 194 21.84 17.71 -29.28
CA GLU D 194 20.39 17.94 -29.39
C GLU D 194 19.55 17.19 -28.35
N PRO D 195 18.50 17.86 -27.84
CA PRO D 195 17.64 17.20 -26.85
C PRO D 195 16.70 16.21 -27.52
N VAL D 196 16.43 15.09 -26.85
CA VAL D 196 15.51 14.09 -27.37
C VAL D 196 14.37 13.91 -26.36
N VAL D 197 13.14 13.82 -26.87
CA VAL D 197 11.98 13.63 -26.02
C VAL D 197 11.49 12.19 -26.11
N SER D 198 10.99 11.67 -24.99
CA SER D 198 10.50 10.29 -24.91
C SER D 198 9.01 10.21 -25.14
N ASP D 199 8.47 8.99 -25.10
CA ASP D 199 7.05 8.77 -25.25
C ASP D 199 6.34 9.34 -24.03
N ALA D 200 5.06 9.65 -24.17
CA ALA D 200 4.31 10.18 -23.06
C ALA D 200 4.19 9.09 -21.99
N ILE D 201 4.24 9.50 -20.74
CA ILE D 201 4.11 8.57 -19.62
C ILE D 201 2.84 8.96 -18.87
N TYR D 202 1.90 8.04 -18.79
CA TYR D 202 0.62 8.30 -18.13
C TYR D 202 0.59 7.79 -16.69
N ASP D 203 -0.03 8.56 -15.81
CA ASP D 203 -0.15 8.22 -14.39
C ASP D 203 -1.18 7.08 -14.25
N SER D 204 -0.75 5.92 -13.78
CA SER D 204 -1.62 4.78 -13.63
C SER D 204 -2.75 5.03 -12.64
N LYS D 205 -2.59 6.07 -11.81
CA LYS D 205 -3.61 6.41 -10.83
C LYS D 205 -4.68 7.33 -11.39
N ALA D 206 -4.47 7.81 -12.61
CA ALA D 206 -5.46 8.67 -13.25
C ALA D 206 -6.56 7.79 -13.85
N PRO D 207 -7.82 7.97 -13.43
CA PRO D 207 -8.91 7.16 -13.96
C PRO D 207 -8.86 7.05 -15.50
N ASN D 208 -8.71 8.19 -16.14
CA ASN D 208 -8.64 8.28 -17.60
C ASN D 208 -7.44 7.59 -18.23
N ALA D 209 -6.38 7.40 -17.44
CA ALA D 209 -5.16 6.77 -17.94
C ALA D 209 -4.98 5.36 -17.38
N SER D 210 -5.84 5.02 -16.43
CA SER D 210 -5.82 3.72 -15.78
C SER D 210 -5.67 2.60 -16.81
N ASN D 211 -4.86 1.60 -16.48
CA ASN D 211 -4.68 0.48 -17.37
C ASN D 211 -5.90 -0.40 -17.12
N LEU D 212 -6.69 -0.63 -18.15
CA LEU D 212 -7.92 -1.44 -18.08
C LEU D 212 -7.63 -2.91 -17.88
N LYS D 213 -8.49 -3.58 -17.10
CA LYS D 213 -8.32 -5.00 -16.86
C LYS D 213 -9.60 -5.71 -16.43
N ILE D 214 -9.91 -6.82 -17.07
CA ILE D 214 -11.10 -7.58 -16.70
C ILE D 214 -10.65 -8.50 -15.59
N VAL D 215 -11.10 -8.21 -14.38
CA VAL D 215 -10.68 -9.01 -13.25
C VAL D 215 -11.41 -10.33 -13.06
N ARG D 216 -12.70 -10.37 -13.39
CA ARG D 216 -13.44 -11.60 -13.19
C ARG D 216 -14.83 -11.50 -13.78
N MET D 217 -15.38 -12.60 -14.32
CA MET D 217 -16.75 -12.52 -14.80
C MET D 217 -17.68 -13.71 -14.55
N ASP D 218 -18.97 -13.38 -14.54
CA ASP D 218 -20.09 -14.27 -14.31
C ASP D 218 -19.93 -15.60 -15.02
N ARG D 219 -19.94 -15.52 -16.34
CA ARG D 219 -19.79 -16.66 -17.21
C ARG D 219 -18.95 -16.23 -18.40
N THR D 220 -18.34 -17.20 -19.08
CA THR D 220 -17.50 -16.89 -20.22
C THR D 220 -18.10 -17.46 -21.48
N ALA D 221 -19.39 -17.77 -21.40
CA ALA D 221 -20.10 -18.33 -22.54
C ALA D 221 -21.56 -17.91 -22.58
N GLY D 222 -22.12 -17.99 -23.78
CA GLY D 222 -23.50 -17.63 -23.98
C GLY D 222 -23.94 -18.10 -25.35
N CYS D 223 -25.25 -18.03 -25.57
CA CYS D 223 -25.85 -18.43 -26.83
C CYS D 223 -25.61 -17.33 -27.87
N VAL D 224 -25.33 -17.72 -29.11
CA VAL D 224 -25.08 -16.77 -30.19
C VAL D 224 -26.23 -15.78 -30.34
N THR D 225 -27.37 -16.16 -29.77
CA THR D 225 -28.56 -15.32 -29.78
C THR D 225 -28.36 -14.01 -29.01
N GLY D 226 -27.47 -14.05 -28.03
CA GLY D 226 -27.21 -12.87 -27.21
C GLY D 226 -28.34 -12.55 -26.25
N GLY D 227 -28.23 -11.43 -25.54
CA GLY D 227 -29.28 -11.03 -24.62
C GLY D 227 -29.17 -11.56 -23.20
N GLU D 228 -28.13 -12.34 -22.95
CA GLU D 228 -27.90 -12.90 -21.62
C GLU D 228 -27.14 -11.90 -20.74
N GLU D 229 -27.54 -11.79 -19.47
CA GLU D 229 -26.91 -10.89 -18.51
C GLU D 229 -25.57 -11.42 -17.98
N ILE D 230 -24.60 -10.52 -17.86
CA ILE D 230 -23.27 -10.88 -17.36
C ILE D 230 -22.90 -9.95 -16.22
N TYR D 231 -22.09 -10.46 -15.31
CA TYR D 231 -21.61 -9.69 -14.18
C TYR D 231 -20.09 -9.66 -14.30
N LEU D 232 -19.53 -8.51 -14.65
CA LEU D 232 -18.09 -8.41 -14.83
C LEU D 232 -17.40 -7.51 -13.80
N LEU D 233 -16.28 -7.99 -13.28
CA LEU D 233 -15.49 -7.26 -12.30
C LEU D 233 -14.23 -6.73 -12.97
N CYS D 234 -13.95 -5.44 -12.79
CA CYS D 234 -12.80 -4.82 -13.43
C CYS D 234 -12.10 -3.80 -12.56
N ASP D 235 -10.99 -3.29 -13.07
CA ASP D 235 -10.25 -2.26 -12.36
C ASP D 235 -10.98 -0.93 -12.64
N LYS D 236 -10.66 0.13 -11.89
CA LYS D 236 -11.35 1.41 -12.04
C LYS D 236 -11.54 1.93 -13.46
N VAL D 237 -12.80 2.22 -13.76
CA VAL D 237 -13.20 2.75 -15.04
C VAL D 237 -14.18 3.88 -14.79
N GLN D 238 -14.49 4.65 -15.83
CA GLN D 238 -15.45 5.74 -15.69
C GLN D 238 -16.71 5.37 -16.44
N LYS D 239 -17.82 5.37 -15.68
CA LYS D 239 -19.13 5.02 -16.19
C LYS D 239 -19.48 5.57 -17.58
N ASP D 240 -19.12 6.82 -17.88
CA ASP D 240 -19.47 7.41 -19.17
C ASP D 240 -18.49 7.14 -20.29
N ASP D 241 -17.38 6.49 -19.98
CA ASP D 241 -16.36 6.26 -21.00
C ASP D 241 -15.89 4.81 -21.10
N ILE D 242 -16.80 3.85 -20.92
CA ILE D 242 -16.37 2.46 -20.97
C ILE D 242 -17.33 1.56 -21.74
N GLN D 243 -16.76 0.63 -22.48
CA GLN D 243 -17.55 -0.30 -23.26
C GLN D 243 -16.89 -1.66 -23.29
N ILE D 244 -17.71 -2.69 -23.41
CA ILE D 244 -17.26 -4.06 -23.47
C ILE D 244 -17.36 -4.52 -24.91
N ARG D 245 -16.24 -4.90 -25.51
CA ARG D 245 -16.26 -5.31 -26.91
C ARG D 245 -15.88 -6.75 -27.11
N PHE D 246 -16.67 -7.43 -27.92
CA PHE D 246 -16.42 -8.82 -28.28
C PHE D 246 -15.90 -8.75 -29.70
N TYR D 247 -15.08 -9.72 -30.10
CA TYR D 247 -14.55 -9.74 -31.45
C TYR D 247 -13.81 -11.02 -31.74
N GLU D 248 -13.69 -11.33 -33.03
CA GLU D 248 -12.94 -12.49 -33.49
C GLU D 248 -12.32 -12.11 -34.82
N GLU D 249 -11.03 -12.39 -34.94
CA GLU D 249 -10.30 -12.09 -36.15
C GLU D 249 -10.83 -13.04 -37.22
N GLU D 250 -11.26 -12.46 -38.34
CA GLU D 250 -11.82 -13.24 -39.44
C GLU D 250 -10.81 -13.62 -40.50
N GLU D 251 -11.22 -14.56 -41.35
CA GLU D 251 -10.38 -15.05 -42.44
C GLU D 251 -10.07 -13.93 -43.42
N ASN D 252 -8.78 -13.78 -43.73
CA ASN D 252 -8.34 -12.76 -44.67
C ASN D 252 -8.56 -11.36 -44.12
N GLY D 253 -7.61 -10.92 -43.29
CA GLY D 253 -7.69 -9.60 -42.70
C GLY D 253 -9.12 -9.16 -42.44
N GLY D 254 -9.79 -9.89 -41.57
CA GLY D 254 -11.17 -9.56 -41.23
C GLY D 254 -11.34 -9.54 -39.73
N VAL D 255 -12.39 -8.89 -39.25
CA VAL D 255 -12.63 -8.82 -37.80
C VAL D 255 -14.06 -8.41 -37.45
N TRP D 256 -14.77 -9.32 -36.80
CA TRP D 256 -16.14 -9.06 -36.39
C TRP D 256 -16.10 -8.49 -34.97
N GLU D 257 -16.89 -7.45 -34.72
CA GLU D 257 -16.92 -6.87 -33.39
C GLU D 257 -18.35 -6.76 -32.87
N GLY D 258 -18.52 -6.96 -31.56
CA GLY D 258 -19.83 -6.88 -30.94
C GLY D 258 -19.76 -6.17 -29.59
N PHE D 259 -20.75 -5.35 -29.29
CA PHE D 259 -20.73 -4.62 -28.03
C PHE D 259 -21.74 -5.00 -26.98
N GLY D 260 -21.26 -5.15 -25.75
CA GLY D 260 -22.13 -5.50 -24.64
C GLY D 260 -23.15 -4.40 -24.47
N ASP D 261 -24.35 -4.78 -24.06
CA ASP D 261 -25.41 -3.81 -23.88
C ASP D 261 -25.58 -3.40 -22.42
N PHE D 262 -25.47 -2.11 -22.15
CA PHE D 262 -25.64 -1.60 -20.80
C PHE D 262 -25.66 -0.08 -20.76
N SER D 263 -26.12 0.45 -19.64
CA SER D 263 -26.20 1.89 -19.44
C SER D 263 -25.16 2.26 -18.40
N PRO D 264 -24.73 3.52 -18.38
CA PRO D 264 -23.73 3.94 -17.40
C PRO D 264 -24.19 3.71 -15.94
N THR D 265 -25.49 3.56 -15.74
CA THR D 265 -25.98 3.31 -14.39
C THR D 265 -25.64 1.87 -14.00
N ASP D 266 -25.40 1.06 -15.01
CA ASP D 266 -25.05 -0.33 -14.80
C ASP D 266 -23.62 -0.47 -14.34
N VAL D 267 -22.87 0.61 -14.42
CA VAL D 267 -21.50 0.58 -13.97
C VAL D 267 -21.60 0.84 -12.49
N HIS D 268 -21.18 -0.13 -11.69
CA HIS D 268 -21.27 -0.02 -10.24
C HIS D 268 -20.00 0.48 -9.57
N ARG D 269 -20.10 1.59 -8.85
CA ARG D 269 -18.96 2.16 -8.13
C ARG D 269 -17.62 2.11 -8.87
N GLN D 270 -17.66 2.31 -10.17
CA GLN D 270 -16.44 2.30 -10.99
C GLN D 270 -15.72 0.95 -11.08
N PHE D 271 -16.17 -0.05 -10.33
CA PHE D 271 -15.49 -1.34 -10.35
C PHE D 271 -16.21 -2.58 -10.90
N ALA D 272 -17.45 -2.42 -11.34
CA ALA D 272 -18.21 -3.54 -11.89
C ALA D 272 -19.20 -3.11 -12.96
N ILE D 273 -19.47 -4.01 -13.89
CA ILE D 273 -20.40 -3.74 -14.96
C ILE D 273 -21.31 -4.93 -15.18
N VAL D 274 -22.61 -4.69 -15.08
CA VAL D 274 -23.61 -5.72 -15.33
C VAL D 274 -24.16 -5.39 -16.72
N PHE D 275 -24.06 -6.33 -17.65
CA PHE D 275 -24.53 -6.06 -19.00
C PHE D 275 -25.14 -7.27 -19.69
N LYS D 276 -25.64 -7.05 -20.90
CA LYS D 276 -26.24 -8.12 -21.70
C LYS D 276 -25.29 -8.40 -22.85
N THR D 277 -25.23 -9.65 -23.29
CA THR D 277 -24.35 -10.02 -24.38
C THR D 277 -24.91 -9.65 -25.74
N PRO D 278 -24.02 -9.33 -26.70
CA PRO D 278 -24.43 -8.96 -28.06
C PRO D 278 -24.70 -10.26 -28.81
N LYS D 279 -25.35 -10.16 -29.98
CA LYS D 279 -25.64 -11.35 -30.79
C LYS D 279 -24.41 -11.70 -31.62
N TYR D 280 -24.15 -12.98 -31.79
CA TYR D 280 -22.97 -13.39 -32.55
C TYR D 280 -23.10 -13.11 -34.05
N LYS D 281 -21.97 -13.09 -34.76
CA LYS D 281 -21.92 -12.83 -36.20
C LYS D 281 -23.16 -13.35 -36.92
N ASP D 282 -23.45 -14.64 -36.79
CA ASP D 282 -24.62 -15.24 -37.41
C ASP D 282 -25.32 -16.22 -36.47
N ILE D 283 -26.63 -16.06 -36.34
CA ILE D 283 -27.48 -16.89 -35.48
C ILE D 283 -27.17 -18.38 -35.53
N ASN D 284 -27.89 -19.07 -36.40
CA ASN D 284 -27.77 -20.51 -36.60
C ASN D 284 -26.38 -20.97 -37.07
N ILE D 285 -25.58 -21.48 -36.14
CA ILE D 285 -24.25 -21.97 -36.49
C ILE D 285 -24.02 -23.41 -36.10
N THR D 286 -23.03 -24.02 -36.75
CA THR D 286 -22.65 -25.41 -36.54
C THR D 286 -22.34 -25.78 -35.09
N LYS D 287 -21.15 -25.38 -34.63
CA LYS D 287 -20.72 -25.69 -33.28
C LYS D 287 -20.13 -24.48 -32.52
N PRO D 288 -19.89 -24.64 -31.21
CA PRO D 288 -19.34 -23.59 -30.36
C PRO D 288 -18.13 -22.83 -30.91
N ALA D 289 -18.34 -21.55 -31.21
CA ALA D 289 -17.28 -20.69 -31.72
C ALA D 289 -16.81 -19.80 -30.57
N SER D 290 -15.51 -19.63 -30.43
CA SER D 290 -14.98 -18.81 -29.35
C SER D 290 -14.48 -17.47 -29.85
N VAL D 291 -14.74 -16.44 -29.07
CA VAL D 291 -14.30 -15.09 -29.39
C VAL D 291 -13.55 -14.52 -28.20
N PHE D 292 -13.28 -13.22 -28.26
CA PHE D 292 -12.58 -12.51 -27.20
C PHE D 292 -13.44 -11.38 -26.69
N VAL D 293 -13.22 -11.00 -25.42
CA VAL D 293 -13.95 -9.89 -24.82
C VAL D 293 -12.93 -8.93 -24.25
N GLN D 294 -13.26 -7.65 -24.23
CA GLN D 294 -12.34 -6.67 -23.71
C GLN D 294 -13.00 -5.36 -23.35
N LEU D 295 -12.50 -4.73 -22.30
CA LEU D 295 -13.00 -3.44 -21.88
C LEU D 295 -12.26 -2.54 -22.84
N ARG D 296 -12.89 -1.42 -23.18
CA ARG D 296 -12.27 -0.46 -24.06
C ARG D 296 -12.78 0.90 -23.65
N ARG D 297 -11.85 1.85 -23.54
CA ARG D 297 -12.19 3.20 -23.16
C ARG D 297 -12.56 3.92 -24.47
N LYS D 298 -13.69 4.61 -24.47
CA LYS D 298 -14.14 5.30 -25.67
C LYS D 298 -13.18 6.40 -26.08
N SER D 299 -13.09 7.41 -25.21
CA SER D 299 -12.24 8.57 -25.41
C SER D 299 -10.87 8.35 -26.06
N ASP D 300 -10.22 7.20 -25.82
CA ASP D 300 -8.90 6.96 -26.40
C ASP D 300 -8.69 5.57 -27.01
N LEU D 301 -9.73 4.76 -27.10
CA LEU D 301 -9.60 3.44 -27.69
C LEU D 301 -8.59 2.53 -27.01
N GLU D 302 -8.16 2.88 -25.81
CA GLU D 302 -7.22 2.03 -25.06
C GLU D 302 -7.99 0.76 -24.69
N THR D 303 -7.29 -0.36 -24.49
CA THR D 303 -8.00 -1.60 -24.14
C THR D 303 -7.33 -2.47 -23.08
N SER D 304 -8.06 -3.48 -22.64
CA SER D 304 -7.55 -4.41 -21.65
C SER D 304 -7.13 -5.65 -22.41
N GLU D 305 -6.35 -6.52 -21.75
CA GLU D 305 -5.94 -7.74 -22.40
C GLU D 305 -7.24 -8.50 -22.66
N PRO D 306 -7.31 -9.22 -23.79
CA PRO D 306 -8.51 -9.98 -24.14
C PRO D 306 -8.70 -11.20 -23.26
N LYS D 307 -9.96 -11.58 -23.08
CA LYS D 307 -10.32 -12.74 -22.28
C LYS D 307 -11.24 -13.55 -23.19
N PRO D 308 -11.04 -14.89 -23.29
CA PRO D 308 -11.83 -15.81 -24.10
C PRO D 308 -13.29 -15.90 -23.72
N PHE D 309 -14.15 -15.87 -24.73
CA PHE D 309 -15.59 -15.97 -24.53
C PHE D 309 -16.11 -16.98 -25.55
N LEU D 310 -16.83 -17.97 -25.05
CA LEU D 310 -17.36 -19.03 -25.90
C LEU D 310 -18.84 -18.87 -26.29
N TYR D 311 -19.09 -18.75 -27.59
CA TYR D 311 -20.46 -18.64 -28.11
C TYR D 311 -20.95 -20.03 -28.52
N TYR D 312 -22.20 -20.34 -28.22
CA TYR D 312 -22.76 -21.64 -28.59
C TYR D 312 -24.14 -21.50 -29.21
N PRO D 313 -24.49 -22.43 -30.12
CA PRO D 313 -25.79 -22.40 -30.80
C PRO D 313 -27.02 -22.61 -29.91
N GLU D 314 -28.15 -22.10 -30.40
CA GLU D 314 -29.43 -22.20 -29.70
C GLU D 314 -30.04 -23.58 -29.98
#